data_2DFD
#
_entry.id   2DFD
#
_cell.length_a   59.943
_cell.length_b   152.526
_cell.length_c   154.827
_cell.angle_alpha   90.00
_cell.angle_beta   90.00
_cell.angle_gamma   90.00
#
_symmetry.space_group_name_H-M   'P 21 21 21'
#
loop_
_entity.id
_entity.type
_entity.pdbx_description
1 polymer 'Malate dehydrogenase'
2 non-polymer '(2S)-2-hydroxybutanedioic acid'
3 non-polymer 'CHLORIDE ION'
4 non-polymer NICOTINAMIDE-ADENINE-DINUCLEOTIDE
5 non-polymer HISTIDINE
6 non-polymer ALANINE
7 water water
#
_entity_poly.entity_id   1
_entity_poly.type   'polypeptide(L)'
_entity_poly.pdbx_seq_one_letter_code
;MHHHHHHSSGVDLGTENLYFQSMSAQNNAKVAVLGASGGIGQPLSLLLKNSPLVSRLTLYDIAHTPGVAADLSHIETKAA
VKGYLGPEQLPDCLKGCDVVVIPAGVPRKPGMTRDDLFNTNATIVATLTAACAQHCPEAMICVIANPVNSTIPITAEVFK
KHGVYNPNKIFGVTTLDIVRANTFVAELKGLDPARVNVPVIGGHAGKTIIPLISQCTPKVDFPQDQLTALTGRIQEAGTE
VVKAKAGAGSATLSMAYAGARFVFSLVDAMNGKEGVVECSFVKSQETECTYFSTPLLLGKKGIEKNLGIGKVSSFEEKMI
SDAIPELKASIKKGEDFVKTLK
;
_entity_poly.pdbx_strand_id   A,B,C,D
#
# COMPACT_ATOMS: atom_id res chain seq x y z
N ASN A 28 -33.47 5.61 13.47
CA ASN A 28 -32.73 6.68 14.22
C ASN A 28 -31.48 6.21 15.01
N ALA A 29 -30.87 5.08 14.62
CA ALA A 29 -29.74 4.50 15.33
C ALA A 29 -28.46 5.30 15.08
N LYS A 30 -27.72 5.61 16.14
CA LYS A 30 -26.41 6.25 16.05
C LYS A 30 -25.34 5.15 16.19
N VAL A 31 -24.58 4.95 15.12
CA VAL A 31 -23.63 3.85 15.02
C VAL A 31 -22.25 4.46 14.84
N ALA A 32 -21.28 4.00 15.63
CA ALA A 32 -19.88 4.30 15.39
C ALA A 32 -19.15 3.09 14.79
N VAL A 33 -18.21 3.36 13.86
CA VAL A 33 -17.24 2.34 13.38
C VAL A 33 -15.82 2.73 13.73
N LEU A 34 -15.17 1.89 14.52
CA LEU A 34 -13.80 2.16 14.98
C LEU A 34 -12.89 1.27 14.17
N GLY A 35 -11.99 1.90 13.41
CA GLY A 35 -11.23 1.23 12.36
C GLY A 35 -11.89 1.43 11.01
N ALA A 36 -12.62 2.53 10.82
CA ALA A 36 -13.48 2.74 9.64
C ALA A 36 -12.72 2.84 8.30
N SER A 37 -11.45 3.21 8.34
CA SER A 37 -10.69 3.45 7.13
C SER A 37 -10.13 2.16 6.54
N GLY A 38 -10.26 1.07 7.28
CA GLY A 38 -9.63 -0.18 6.89
C GLY A 38 -10.35 -0.97 5.80
N GLY A 39 -9.79 -2.14 5.50
CA GLY A 39 -10.37 -3.11 4.57
C GLY A 39 -11.80 -3.48 4.87
N ILE A 40 -12.12 -3.80 6.12
CA ILE A 40 -13.50 -4.03 6.49
C ILE A 40 -14.26 -2.70 6.65
N GLY A 41 -13.63 -1.76 7.35
CA GLY A 41 -14.32 -0.56 7.78
C GLY A 41 -14.95 0.24 6.67
N GLN A 42 -14.27 0.33 5.53
CA GLN A 42 -14.77 1.18 4.47
C GLN A 42 -16.06 0.61 3.87
N PRO A 43 -16.03 -0.64 3.36
CA PRO A 43 -17.30 -1.21 2.86
C PRO A 43 -18.36 -1.41 3.92
N LEU A 44 -17.95 -1.73 5.14
CA LEU A 44 -18.93 -1.80 6.22
C LEU A 44 -19.65 -0.45 6.38
N SER A 45 -18.86 0.62 6.41
CA SER A 45 -19.44 1.95 6.56
C SER A 45 -20.37 2.33 5.40
N LEU A 46 -20.02 1.90 4.18
CA LEU A 46 -20.88 2.05 3.02
C LEU A 46 -22.27 1.38 3.23
N LEU A 47 -22.26 0.11 3.68
CA LEU A 47 -23.48 -0.62 3.84
C LEU A 47 -24.35 0.04 4.92
N LEU A 48 -23.69 0.53 5.96
CA LEU A 48 -24.40 1.22 7.03
C LEU A 48 -24.97 2.55 6.50
N LYS A 49 -24.17 3.32 5.75
CA LYS A 49 -24.65 4.58 5.24
C LYS A 49 -25.85 4.34 4.31
N ASN A 50 -25.81 3.27 3.53
CA ASN A 50 -26.91 2.93 2.64
C ASN A 50 -28.25 2.58 3.34
N SER A 51 -28.21 2.32 4.65
CA SER A 51 -29.40 1.86 5.36
C SER A 51 -30.25 2.97 6.02
N PRO A 52 -31.57 2.92 5.83
CA PRO A 52 -32.42 3.90 6.50
C PRO A 52 -32.53 3.64 8.02
N LEU A 53 -31.97 2.54 8.49
CA LEU A 53 -31.92 2.24 9.91
C LEU A 53 -30.91 3.11 10.68
N VAL A 54 -30.01 3.79 9.96
CA VAL A 54 -28.90 4.53 10.61
C VAL A 54 -29.18 6.03 10.44
N SER A 55 -29.35 6.77 11.54
CA SER A 55 -29.50 8.23 11.46
C SER A 55 -28.20 9.01 11.53
N ARG A 56 -27.21 8.45 12.23
CA ARG A 56 -25.90 9.07 12.39
C ARG A 56 -24.81 8.01 12.33
N LEU A 57 -23.80 8.27 11.52
CA LEU A 57 -22.71 7.32 11.34
C LEU A 57 -21.43 8.08 11.65
N THR A 58 -20.79 7.70 12.75
CA THR A 58 -19.56 8.36 13.18
C THR A 58 -18.41 7.40 12.92
N LEU A 59 -17.42 7.87 12.19
CA LEU A 59 -16.32 7.03 11.77
C LEU A 59 -15.04 7.44 12.43
N TYR A 60 -14.30 6.45 12.96
CA TYR A 60 -13.06 6.71 13.67
C TYR A 60 -11.93 5.85 13.14
N ASP A 61 -10.72 6.42 13.10
CA ASP A 61 -9.51 5.68 12.77
C ASP A 61 -8.34 6.59 13.16
N ILE A 62 -7.14 6.05 12.99
CA ILE A 62 -5.92 6.77 13.25
C ILE A 62 -5.35 7.34 11.96
N ALA A 63 -5.95 6.96 10.81
CA ALA A 63 -5.57 7.47 9.50
C ALA A 63 -6.77 7.53 8.59
N HIS A 64 -6.78 8.52 7.70
CA HIS A 64 -7.65 8.55 6.51
C HIS A 64 -9.14 8.85 6.73
N THR A 65 -9.58 8.96 7.99
CA THR A 65 -11.03 9.00 8.24
C THR A 65 -11.77 10.17 7.62
N PRO A 66 -11.19 11.41 7.65
CA PRO A 66 -11.84 12.57 7.03
C PRO A 66 -12.22 12.33 5.55
N GLY A 67 -11.31 11.72 4.80
CA GLY A 67 -11.56 11.44 3.38
C GLY A 67 -12.66 10.41 3.15
N VAL A 68 -12.68 9.40 4.02
CA VAL A 68 -13.73 8.37 3.95
C VAL A 68 -15.11 8.98 4.29
N ALA A 69 -15.17 9.83 5.33
CA ALA A 69 -16.41 10.54 5.70
C ALA A 69 -16.90 11.47 4.60
N ALA A 70 -16.01 12.23 3.99
CA ALA A 70 -16.36 13.15 2.90
C ALA A 70 -17.00 12.37 1.76
N ASP A 71 -16.35 11.29 1.36
CA ASP A 71 -16.84 10.38 0.31
C ASP A 71 -18.27 9.88 0.63
N LEU A 72 -18.40 9.21 1.76
CA LEU A 72 -19.69 8.67 2.17
C LEU A 72 -20.79 9.73 2.32
N SER A 73 -20.40 10.91 2.79
CA SER A 73 -21.36 11.99 3.04
C SER A 73 -22.14 12.39 1.79
N HIS A 74 -21.60 12.08 0.60
CA HIS A 74 -22.29 12.43 -0.65
C HIS A 74 -23.44 11.52 -1.04
N ILE A 75 -23.59 10.39 -0.35
CA ILE A 75 -24.61 9.41 -0.72
C ILE A 75 -26.00 9.89 -0.26
N GLU A 76 -26.98 9.68 -1.13
CA GLU A 76 -28.34 10.22 -1.05
C GLU A 76 -29.29 9.49 -0.07
N THR A 77 -28.77 9.26 1.13
CA THR A 77 -29.50 8.63 2.21
C THR A 77 -29.42 9.55 3.44
N LYS A 78 -30.26 9.28 4.46
CA LYS A 78 -30.40 10.27 5.56
C LYS A 78 -29.22 10.28 6.58
N ALA A 79 -28.49 9.18 6.73
CA ALA A 79 -27.48 9.12 7.78
C ALA A 79 -26.47 10.26 7.66
N ALA A 80 -26.38 11.09 8.70
CA ALA A 80 -25.33 12.11 8.84
C ALA A 80 -24.02 11.41 9.17
N VAL A 81 -23.05 11.58 8.27
CA VAL A 81 -21.72 10.98 8.41
C VAL A 81 -20.71 12.05 8.92
N LYS A 82 -19.90 11.63 9.88
CA LYS A 82 -18.91 12.48 10.52
C LYS A 82 -17.65 11.64 10.75
N GLY A 83 -16.50 12.21 10.43
CA GLY A 83 -15.24 11.50 10.57
C GLY A 83 -14.39 12.06 11.69
N TYR A 84 -13.68 11.17 12.38
CA TYR A 84 -12.78 11.50 13.48
C TYR A 84 -11.46 10.77 13.31
N LEU A 85 -10.39 11.44 13.71
CA LEU A 85 -9.02 10.98 13.46
C LEU A 85 -8.20 11.24 14.72
N GLY A 86 -7.67 10.16 15.30
CA GLY A 86 -6.77 10.21 16.43
C GLY A 86 -7.47 10.22 17.78
N PRO A 87 -6.79 9.73 18.82
CA PRO A 87 -7.40 9.54 20.14
C PRO A 87 -8.00 10.81 20.78
N GLU A 88 -7.46 11.98 20.45
CA GLU A 88 -8.04 13.27 20.87
C GLU A 88 -9.53 13.41 20.45
N GLN A 89 -9.83 12.89 19.26
CA GLN A 89 -11.14 12.98 18.63
C GLN A 89 -12.07 11.81 18.93
N LEU A 90 -11.54 10.75 19.53
CA LEU A 90 -12.30 9.54 19.76
C LEU A 90 -13.55 9.75 20.65
N PRO A 91 -13.42 10.45 21.80
CA PRO A 91 -14.58 10.70 22.66
C PRO A 91 -15.75 11.32 21.91
N ASP A 92 -15.46 12.29 21.06
CA ASP A 92 -16.51 12.94 20.28
C ASP A 92 -17.17 11.98 19.28
N CYS A 93 -16.43 11.01 18.77
CA CYS A 93 -17.02 10.00 17.87
C CYS A 93 -18.04 9.10 18.60
N LEU A 94 -17.81 8.89 19.89
CA LEU A 94 -18.57 7.91 20.67
C LEU A 94 -19.80 8.48 21.37
N LYS A 95 -19.76 9.77 21.71
CA LYS A 95 -20.84 10.35 22.50
C LYS A 95 -22.18 10.22 21.80
N GLY A 96 -23.15 9.66 22.52
CA GLY A 96 -24.49 9.44 22.01
C GLY A 96 -24.71 8.15 21.24
N CYS A 97 -23.68 7.37 20.99
CA CYS A 97 -23.79 6.17 20.14
C CYS A 97 -24.66 5.10 20.76
N ASP A 98 -25.49 4.47 19.94
CA ASP A 98 -26.34 3.34 20.32
C ASP A 98 -25.60 2.02 20.11
N VAL A 99 -24.74 2.02 19.08
CA VAL A 99 -24.01 0.84 18.62
C VAL A 99 -22.62 1.24 18.17
N VAL A 100 -21.62 0.50 18.67
CA VAL A 100 -20.25 0.67 18.27
C VAL A 100 -19.73 -0.64 17.66
N VAL A 101 -19.20 -0.56 16.44
CA VAL A 101 -18.61 -1.72 15.78
C VAL A 101 -17.10 -1.53 15.61
N ILE A 102 -16.32 -2.55 15.95
CA ILE A 102 -14.89 -2.44 16.07
C ILE A 102 -14.12 -3.44 15.20
N PRO A 103 -13.99 -3.14 13.88
CA PRO A 103 -13.06 -3.86 13.04
C PRO A 103 -11.59 -3.46 13.26
N ALA A 104 -11.33 -2.40 14.03
CA ALA A 104 -9.95 -1.95 14.24
C ALA A 104 -9.02 -3.06 14.68
N GLY A 105 -7.96 -3.29 13.91
CA GLY A 105 -7.04 -4.34 14.23
C GLY A 105 -6.26 -4.76 13.01
N VAL A 106 -5.19 -5.48 13.27
CA VAL A 106 -4.33 -6.05 12.23
C VAL A 106 -4.86 -7.39 11.73
N PRO A 107 -4.89 -7.55 10.39
CA PRO A 107 -5.33 -8.84 9.87
C PRO A 107 -4.16 -9.78 9.65
N ARG A 108 -4.49 -11.03 9.38
CA ARG A 108 -3.50 -12.08 9.13
C ARG A 108 -2.80 -11.98 7.78
N LYS A 109 -1.54 -12.41 7.78
CA LYS A 109 -0.81 -12.86 6.60
C LYS A 109 -0.96 -14.40 6.43
N PRO A 110 -0.79 -14.94 5.20
CA PRO A 110 -0.73 -16.38 4.98
C PRO A 110 0.24 -17.06 5.94
N GLY A 111 -0.22 -18.13 6.57
CA GLY A 111 0.57 -18.91 7.52
C GLY A 111 0.37 -18.48 8.96
N MET A 112 -0.23 -17.33 9.19
CA MET A 112 -0.50 -16.87 10.57
C MET A 112 -1.78 -17.53 11.09
N THR A 113 -1.86 -17.70 12.40
CA THR A 113 -3.09 -18.08 13.09
C THR A 113 -3.73 -16.79 13.58
N ARG A 114 -5.00 -16.83 13.91
CA ARG A 114 -5.66 -15.64 14.45
C ARG A 114 -5.03 -15.27 15.79
N ASP A 115 -4.60 -16.28 16.54
CA ASP A 115 -3.88 -16.04 17.82
C ASP A 115 -2.58 -15.28 17.69
N ASP A 116 -1.93 -15.43 16.55
CA ASP A 116 -0.71 -14.69 16.27
C ASP A 116 -0.96 -13.18 16.25
N LEU A 117 -2.22 -12.78 16.08
CA LEU A 117 -2.62 -11.37 16.15
C LEU A 117 -2.86 -10.84 17.56
N PHE A 118 -2.86 -11.72 18.57
CA PHE A 118 -3.32 -11.34 19.90
C PHE A 118 -2.50 -10.18 20.47
N ASN A 119 -1.19 -10.29 20.42
CA ASN A 119 -0.31 -9.33 21.06
C ASN A 119 -0.43 -7.91 20.48
N THR A 120 -0.80 -7.80 19.21
CA THR A 120 -1.00 -6.48 18.59
C THR A 120 -2.45 -5.98 18.87
N ASN A 121 -3.42 -6.86 18.67
CA ASN A 121 -4.82 -6.46 18.72
C ASN A 121 -5.41 -6.38 20.12
N ALA A 122 -4.82 -7.09 21.10
CA ALA A 122 -5.17 -6.94 22.52
C ALA A 122 -5.21 -5.46 22.96
N THR A 123 -4.08 -4.78 22.74
CA THR A 123 -3.91 -3.38 23.14
CA THR A 123 -3.94 -3.39 23.18
C THR A 123 -4.90 -2.46 22.43
N ILE A 124 -5.10 -2.71 21.14
CA ILE A 124 -5.98 -1.89 20.33
C ILE A 124 -7.42 -1.98 20.89
N VAL A 125 -7.90 -3.20 21.06
CA VAL A 125 -9.24 -3.45 21.60
C VAL A 125 -9.40 -2.91 23.02
N ALA A 126 -8.44 -3.20 23.88
CA ALA A 126 -8.42 -2.67 25.24
C ALA A 126 -8.56 -1.15 25.27
N THR A 127 -7.80 -0.47 24.41
CA THR A 127 -7.84 0.97 24.40
C THR A 127 -9.15 1.54 23.84
N LEU A 128 -9.63 0.97 22.75
CA LEU A 128 -10.86 1.45 22.17
C LEU A 128 -12.07 1.15 23.08
N THR A 129 -12.15 -0.04 23.65
CA THR A 129 -13.29 -0.41 24.52
C THR A 129 -13.28 0.38 25.83
N ALA A 130 -12.09 0.81 26.29
CA ALA A 130 -11.99 1.65 27.50
C ALA A 130 -12.68 2.97 27.17
N ALA A 131 -12.46 3.46 25.95
CA ALA A 131 -13.09 4.68 25.52
C ALA A 131 -14.61 4.56 25.47
N CYS A 132 -15.09 3.46 24.92
CA CYS A 132 -16.52 3.12 24.91
C CYS A 132 -17.08 3.06 26.34
N ALA A 133 -16.37 2.42 27.24
CA ALA A 133 -16.81 2.31 28.65
C ALA A 133 -16.97 3.69 29.27
N GLN A 134 -16.06 4.60 28.92
CA GLN A 134 -16.11 5.97 29.46
C GLN A 134 -17.15 6.84 28.77
N HIS A 135 -17.32 6.68 27.46
CA HIS A 135 -18.05 7.68 26.68
C HIS A 135 -19.42 7.23 26.10
N CYS A 136 -19.64 5.93 26.01
CA CYS A 136 -20.96 5.42 25.65
C CYS A 136 -21.16 4.07 26.30
N PRO A 137 -21.23 4.04 27.64
CA PRO A 137 -21.27 2.76 28.34
C PRO A 137 -22.58 1.99 28.08
N GLU A 138 -23.62 2.67 27.60
CA GLU A 138 -24.88 2.01 27.33
C GLU A 138 -24.97 1.46 25.90
N ALA A 139 -23.99 1.74 25.06
CA ALA A 139 -23.99 1.25 23.68
C ALA A 139 -23.85 -0.28 23.60
N MET A 140 -24.39 -0.85 22.52
CA MET A 140 -24.04 -2.19 22.10
CA MET A 140 -24.05 -2.20 22.10
C MET A 140 -22.64 -2.15 21.53
N ILE A 141 -21.79 -3.09 21.95
CA ILE A 141 -20.41 -3.17 21.49
C ILE A 141 -20.17 -4.46 20.72
N CYS A 142 -19.85 -4.31 19.43
CA CYS A 142 -19.74 -5.41 18.48
C CYS A 142 -18.30 -5.48 18.00
N VAL A 143 -17.58 -6.51 18.46
CA VAL A 143 -16.14 -6.63 18.22
C VAL A 143 -15.88 -7.58 17.05
N ILE A 144 -15.22 -7.08 16.02
CA ILE A 144 -14.87 -7.84 14.84
C ILE A 144 -13.40 -8.23 14.91
N ALA A 145 -12.56 -7.35 15.51
CA ALA A 145 -11.10 -7.57 15.60
C ALA A 145 -10.77 -8.95 16.18
N ASN A 146 -9.81 -9.60 15.54
CA ASN A 146 -9.39 -10.95 15.90
C ASN A 146 -8.24 -10.85 16.88
N PRO A 147 -8.01 -11.93 17.68
CA PRO A 147 -8.82 -13.15 17.71
C PRO A 147 -10.04 -12.95 18.58
N VAL A 148 -11.22 -13.06 17.97
CA VAL A 148 -12.51 -12.84 18.66
C VAL A 148 -12.64 -13.63 19.97
N ASN A 149 -12.12 -14.87 19.98
CA ASN A 149 -12.25 -15.70 21.18
C ASN A 149 -11.56 -15.10 22.40
N SER A 150 -10.58 -14.21 22.19
CA SER A 150 -9.90 -13.48 23.29
C SER A 150 -10.31 -12.01 23.39
N THR A 151 -10.69 -11.38 22.28
CA THR A 151 -10.96 -9.94 22.30
C THR A 151 -12.29 -9.61 22.98
N ILE A 152 -13.25 -10.54 22.99
CA ILE A 152 -14.49 -10.33 23.73
C ILE A 152 -14.22 -10.42 25.22
N PRO A 153 -13.51 -11.47 25.66
CA PRO A 153 -13.13 -11.38 27.09
C PRO A 153 -12.39 -10.10 27.49
N ILE A 154 -11.53 -9.54 26.60
CA ILE A 154 -10.84 -8.32 26.94
C ILE A 154 -11.84 -7.18 27.15
N THR A 155 -12.78 -7.08 26.22
CA THR A 155 -13.83 -6.06 26.25
C THR A 155 -14.62 -6.12 27.57
N ALA A 156 -15.03 -7.31 27.93
CA ALA A 156 -15.80 -7.53 29.14
C ALA A 156 -15.03 -7.03 30.37
N GLU A 157 -13.76 -7.42 30.44
CA GLU A 157 -12.97 -7.10 31.59
C GLU A 157 -12.63 -5.62 31.64
N VAL A 158 -12.50 -4.99 30.48
CA VAL A 158 -12.28 -3.54 30.42
C VAL A 158 -13.51 -2.82 30.97
N PHE A 159 -14.68 -3.23 30.49
CA PHE A 159 -15.95 -2.71 31.01
C PHE A 159 -16.09 -2.90 32.53
N LYS A 160 -15.75 -4.08 33.04
CA LYS A 160 -15.78 -4.35 34.48
C LYS A 160 -14.87 -3.42 35.27
N LYS A 161 -13.71 -3.11 34.69
CA LYS A 161 -12.76 -2.18 35.31
C LYS A 161 -13.36 -0.78 35.44
N HIS A 162 -14.22 -0.40 34.50
CA HIS A 162 -14.88 0.90 34.57
C HIS A 162 -16.25 0.85 35.29
N GLY A 163 -16.62 -0.29 35.82
CA GLY A 163 -17.86 -0.43 36.58
C GLY A 163 -19.14 -0.38 35.76
N VAL A 164 -19.04 -0.69 34.47
CA VAL A 164 -20.19 -0.56 33.55
C VAL A 164 -20.50 -1.80 32.70
N TYR A 165 -20.03 -2.98 33.13
CA TYR A 165 -20.21 -4.16 32.32
C TYR A 165 -21.67 -4.56 32.30
N ASN A 166 -22.24 -4.62 31.11
CA ASN A 166 -23.54 -5.26 30.89
C ASN A 166 -23.32 -6.38 29.88
N PRO A 167 -23.41 -7.63 30.35
CA PRO A 167 -23.15 -8.78 29.45
C PRO A 167 -24.21 -8.98 28.34
N ASN A 168 -25.36 -8.32 28.46
CA ASN A 168 -26.33 -8.34 27.38
C ASN A 168 -26.03 -7.42 26.18
N LYS A 169 -24.92 -6.67 26.24
CA LYS A 169 -24.63 -5.64 25.23
C LYS A 169 -23.28 -5.79 24.55
N ILE A 170 -22.53 -6.86 24.82
CA ILE A 170 -21.21 -7.05 24.24
C ILE A 170 -21.21 -8.30 23.36
N PHE A 171 -20.80 -8.16 22.11
CA PHE A 171 -21.03 -9.18 21.09
C PHE A 171 -19.76 -9.41 20.28
N GLY A 172 -19.33 -10.66 20.20
CA GLY A 172 -18.23 -11.02 19.31
C GLY A 172 -18.87 -11.42 17.99
N VAL A 173 -18.51 -10.69 16.92
CA VAL A 173 -19.24 -10.89 15.65
C VAL A 173 -18.73 -12.13 14.91
N THR A 174 -19.59 -13.17 14.88
CA THR A 174 -19.30 -14.46 14.24
C THR A 174 -20.16 -14.68 13.00
N THR A 175 -20.92 -13.65 12.63
CA THR A 175 -21.92 -13.78 11.58
C THR A 175 -21.32 -14.31 10.30
N LEU A 176 -20.04 -13.97 10.02
CA LEU A 176 -19.42 -14.45 8.80
C LEU A 176 -19.36 -16.00 8.72
N ASP A 177 -19.22 -16.65 9.87
CA ASP A 177 -19.22 -18.11 9.89
C ASP A 177 -20.59 -18.64 9.44
N ILE A 178 -21.66 -17.96 9.85
CA ILE A 178 -23.04 -18.39 9.54
C ILE A 178 -23.30 -18.14 8.05
N VAL A 179 -22.91 -16.96 7.58
CA VAL A 179 -23.07 -16.56 6.17
C VAL A 179 -22.40 -17.58 5.28
N ARG A 180 -21.19 -17.95 5.63
CA ARG A 180 -20.40 -18.96 4.94
C ARG A 180 -21.08 -20.35 4.95
N ALA A 181 -21.55 -20.76 6.12
CA ALA A 181 -22.27 -22.04 6.25
C ALA A 181 -23.49 -22.04 5.32
N ASN A 182 -24.25 -20.94 5.31
CA ASN A 182 -25.45 -20.88 4.49
C ASN A 182 -25.11 -21.04 3.01
N THR A 183 -24.10 -20.30 2.58
CA THR A 183 -23.64 -20.30 1.19
C THR A 183 -23.15 -21.66 0.76
N PHE A 184 -22.36 -22.32 1.60
CA PHE A 184 -21.77 -23.58 1.21
C PHE A 184 -22.81 -24.70 1.21
N VAL A 185 -23.68 -24.70 2.23
CA VAL A 185 -24.82 -25.64 2.23
C VAL A 185 -25.72 -25.46 1.00
N ALA A 186 -26.13 -24.23 0.70
CA ALA A 186 -26.97 -23.93 -0.46
C ALA A 186 -26.36 -24.44 -1.76
N GLU A 187 -25.06 -24.24 -1.91
CA GLU A 187 -24.35 -24.66 -3.10
C GLU A 187 -24.45 -26.15 -3.27
N LEU A 188 -24.17 -26.90 -2.20
CA LEU A 188 -24.20 -28.35 -2.31
C LEU A 188 -25.58 -28.97 -2.53
N LYS A 189 -26.64 -28.29 -2.12
CA LYS A 189 -28.01 -28.83 -2.27
C LYS A 189 -28.83 -28.10 -3.30
N GLY A 190 -28.20 -27.15 -4.00
CA GLY A 190 -28.86 -26.41 -5.06
C GLY A 190 -30.00 -25.55 -4.54
N LEU A 191 -29.77 -24.88 -3.41
CA LEU A 191 -30.79 -24.07 -2.79
C LEU A 191 -30.45 -22.62 -2.99
N ASP A 192 -31.44 -21.77 -2.77
CA ASP A 192 -31.19 -20.34 -2.76
C ASP A 192 -30.61 -20.03 -1.37
N PRO A 193 -29.34 -19.56 -1.31
CA PRO A 193 -28.78 -19.31 0.05
C PRO A 193 -29.56 -18.31 0.89
N ALA A 194 -30.42 -17.50 0.26
CA ALA A 194 -31.26 -16.55 0.98
C ALA A 194 -32.23 -17.31 1.87
N ARG A 195 -32.51 -18.56 1.55
CA ARG A 195 -33.51 -19.33 2.28
C ARG A 195 -32.92 -20.36 3.24
N VAL A 196 -31.61 -20.31 3.42
CA VAL A 196 -30.91 -21.26 4.26
C VAL A 196 -30.42 -20.58 5.53
N ASN A 197 -30.60 -21.28 6.65
CA ASN A 197 -30.16 -20.81 7.95
C ASN A 197 -29.49 -21.96 8.71
N VAL A 198 -28.16 -21.90 8.82
CA VAL A 198 -27.40 -22.86 9.61
C VAL A 198 -26.95 -22.22 10.93
N PRO A 199 -27.35 -22.76 12.07
CA PRO A 199 -26.76 -22.28 13.32
C PRO A 199 -25.27 -22.71 13.40
N VAL A 200 -24.39 -21.75 13.73
CA VAL A 200 -22.97 -22.03 13.99
C VAL A 200 -22.65 -21.56 15.40
N ILE A 201 -22.14 -22.49 16.20
CA ILE A 201 -21.89 -22.28 17.61
C ILE A 201 -20.41 -22.40 17.96
N GLY A 202 -20.07 -22.06 19.19
CA GLY A 202 -18.73 -22.27 19.72
C GLY A 202 -17.98 -20.96 19.76
N GLY A 203 -16.95 -20.84 18.93
CA GLY A 203 -16.18 -19.63 18.82
C GLY A 203 -15.78 -19.35 17.38
N HIS A 204 -14.79 -18.48 17.22
CA HIS A 204 -14.34 -18.03 15.90
C HIS A 204 -12.86 -18.31 15.68
N ALA A 205 -12.50 -19.58 15.70
CA ALA A 205 -11.19 -20.01 15.26
C ALA A 205 -11.24 -21.50 15.03
N GLY A 206 -10.83 -21.90 13.83
CA GLY A 206 -10.57 -23.32 13.53
C GLY A 206 -11.66 -24.26 14.03
N LYS A 207 -11.27 -25.20 14.87
CA LYS A 207 -12.17 -26.25 15.34
C LYS A 207 -13.18 -25.74 16.37
N THR A 208 -13.06 -24.48 16.79
CA THR A 208 -14.05 -23.91 17.68
C THR A 208 -15.28 -23.44 16.89
N ILE A 209 -15.15 -23.38 15.56
CA ILE A 209 -16.27 -23.03 14.69
C ILE A 209 -17.05 -24.34 14.46
N ILE A 210 -18.29 -24.36 14.98
CA ILE A 210 -19.05 -25.60 15.05
C ILE A 210 -20.40 -25.42 14.33
N PRO A 211 -20.45 -25.81 13.05
CA PRO A 211 -21.70 -25.61 12.36
C PRO A 211 -22.68 -26.74 12.65
N LEU A 212 -23.85 -26.36 13.12
CA LEU A 212 -24.92 -27.32 13.44
C LEU A 212 -25.81 -27.59 12.23
N ILE A 213 -25.25 -28.36 11.30
CA ILE A 213 -25.95 -28.73 10.08
C ILE A 213 -27.23 -29.54 10.39
N SER A 214 -27.23 -30.29 11.49
CA SER A 214 -28.43 -31.06 11.93
C SER A 214 -29.64 -30.16 12.28
N GLN A 215 -29.38 -28.88 12.49
CA GLN A 215 -30.36 -27.88 12.86
C GLN A 215 -30.68 -26.92 11.69
N CYS A 216 -30.05 -27.15 10.55
CA CYS A 216 -30.24 -26.28 9.39
C CYS A 216 -31.72 -26.23 8.98
N THR A 217 -32.16 -25.05 8.50
CA THR A 217 -33.44 -24.94 7.82
C THR A 217 -33.16 -24.43 6.43
N PRO A 218 -33.71 -25.09 5.39
CA PRO A 218 -34.49 -26.33 5.41
C PRO A 218 -33.62 -27.51 5.82
N LYS A 219 -34.27 -28.58 6.23
CA LYS A 219 -33.56 -29.79 6.66
C LYS A 219 -32.73 -30.32 5.50
N VAL A 220 -31.47 -30.65 5.75
CA VAL A 220 -30.55 -31.14 4.71
C VAL A 220 -29.85 -32.41 5.19
N ASP A 221 -29.77 -33.41 4.30
CA ASP A 221 -29.12 -34.70 4.57
C ASP A 221 -27.83 -34.86 3.79
N PHE A 222 -26.73 -34.97 4.53
CA PHE A 222 -25.43 -35.25 3.97
C PHE A 222 -24.90 -36.56 4.52
N PRO A 223 -24.32 -37.41 3.68
CA PRO A 223 -23.59 -38.53 4.26
C PRO A 223 -22.35 -38.02 5.00
N GLN A 224 -21.87 -38.78 5.97
CA GLN A 224 -20.86 -38.28 6.92
C GLN A 224 -19.57 -37.83 6.25
N ASP A 225 -19.13 -38.53 5.21
CA ASP A 225 -17.90 -38.14 4.49
C ASP A 225 -18.00 -36.71 3.92
N GLN A 226 -19.10 -36.43 3.24
CA GLN A 226 -19.35 -35.12 2.69
C GLN A 226 -19.59 -34.09 3.80
N LEU A 227 -20.27 -34.52 4.86
CA LEU A 227 -20.57 -33.67 6.00
C LEU A 227 -19.29 -33.20 6.68
N THR A 228 -18.34 -34.11 6.79
CA THR A 228 -17.05 -33.79 7.41
C THR A 228 -16.26 -32.80 6.56
N ALA A 229 -16.30 -33.00 5.24
CA ALA A 229 -15.63 -32.09 4.30
C ALA A 229 -16.23 -30.69 4.36
N LEU A 230 -17.55 -30.63 4.39
CA LEU A 230 -18.30 -29.39 4.44
C LEU A 230 -17.98 -28.63 5.73
N THR A 231 -17.99 -29.35 6.85
CA THR A 231 -17.69 -28.77 8.15
C THR A 231 -16.27 -28.20 8.21
N GLY A 232 -15.31 -28.95 7.68
CA GLY A 232 -13.93 -28.45 7.51
C GLY A 232 -13.83 -27.20 6.65
N ARG A 233 -14.60 -27.17 5.56
CA ARG A 233 -14.57 -26.04 4.68
C ARG A 233 -15.06 -24.80 5.41
N ILE A 234 -16.13 -24.93 6.19
CA ILE A 234 -16.62 -23.81 7.00
C ILE A 234 -15.54 -23.33 8.02
N GLN A 235 -14.92 -24.28 8.70
CA GLN A 235 -13.92 -23.98 9.74
C GLN A 235 -12.68 -23.28 9.19
N GLU A 236 -12.23 -23.73 8.02
CA GLU A 236 -11.01 -23.21 7.37
C GLU A 236 -11.25 -22.10 6.36
N ALA A 237 -12.49 -21.64 6.22
CA ALA A 237 -12.87 -20.69 5.14
C ALA A 237 -12.02 -19.42 5.19
N GLY A 238 -11.80 -18.89 6.39
CA GLY A 238 -11.04 -17.63 6.53
C GLY A 238 -9.58 -17.74 6.07
N THR A 239 -9.01 -18.87 6.44
CA THR A 239 -7.63 -19.23 6.08
C THR A 239 -7.48 -19.36 4.59
N GLU A 240 -8.46 -19.95 3.96
CA GLU A 240 -8.48 -20.02 2.51
C GLU A 240 -8.60 -18.66 1.80
N VAL A 241 -9.36 -17.71 2.36
CA VAL A 241 -9.39 -16.36 1.78
C VAL A 241 -8.04 -15.64 1.97
N VAL A 242 -7.44 -15.77 3.15
CA VAL A 242 -6.08 -15.28 3.38
C VAL A 242 -5.11 -15.82 2.33
N LYS A 243 -5.14 -17.13 2.12
CA LYS A 243 -4.30 -17.75 1.11
C LYS A 243 -4.57 -17.12 -0.28
N ALA A 244 -5.85 -17.03 -0.65
CA ALA A 244 -6.24 -16.44 -1.97
C ALA A 244 -5.75 -15.00 -2.14
N LYS A 245 -5.78 -14.21 -1.07
CA LYS A 245 -5.34 -12.82 -1.19
C LYS A 245 -3.82 -12.68 -1.18
N ALA A 246 -3.10 -13.76 -0.84
CA ALA A 246 -1.65 -13.84 -1.11
C ALA A 246 -0.86 -12.66 -0.50
N GLY A 247 -1.22 -12.30 0.71
CA GLY A 247 -0.55 -11.23 1.43
C GLY A 247 -1.30 -9.90 1.46
N ALA A 248 -2.41 -9.80 0.75
CA ALA A 248 -3.10 -8.54 0.65
C ALA A 248 -4.27 -8.53 1.60
N GLY A 249 -4.14 -9.22 2.71
CA GLY A 249 -5.13 -9.19 3.75
C GLY A 249 -6.06 -10.38 3.81
N SER A 250 -7.19 -10.16 4.46
CA SER A 250 -8.12 -11.22 4.75
C SER A 250 -9.51 -10.84 4.23
N ALA A 251 -10.53 -11.59 4.62
CA ALA A 251 -11.89 -11.31 4.18
C ALA A 251 -12.31 -9.88 4.58
N THR A 252 -12.78 -9.13 3.59
CA THR A 252 -13.15 -7.74 3.82
C THR A 252 -14.58 -7.46 3.37
N LEU A 253 -14.87 -7.79 2.11
CA LEU A 253 -16.13 -7.50 1.51
C LEU A 253 -17.21 -8.40 2.11
N SER A 254 -16.90 -9.69 2.30
CA SER A 254 -17.87 -10.59 2.89
C SER A 254 -18.09 -10.33 4.39
N MET A 255 -17.07 -9.78 5.04
CA MET A 255 -17.19 -9.40 6.44
CA MET A 255 -17.19 -9.40 6.44
C MET A 255 -18.01 -8.13 6.59
N ALA A 256 -17.82 -7.19 5.68
CA ALA A 256 -18.68 -6.01 5.62
C ALA A 256 -20.15 -6.45 5.54
N TYR A 257 -20.44 -7.36 4.62
CA TYR A 257 -21.76 -7.90 4.47
C TYR A 257 -22.27 -8.46 5.79
N ALA A 258 -21.46 -9.34 6.40
CA ALA A 258 -21.88 -10.09 7.60
C ALA A 258 -22.01 -9.15 8.80
N GLY A 259 -21.07 -8.22 8.92
CA GLY A 259 -21.06 -7.22 9.96
C GLY A 259 -22.26 -6.30 9.88
N ALA A 260 -22.59 -5.83 8.67
CA ALA A 260 -23.78 -4.99 8.48
C ALA A 260 -25.06 -5.79 8.82
N ARG A 261 -25.14 -7.02 8.34
CA ARG A 261 -26.26 -7.90 8.71
C ARG A 261 -26.47 -7.93 10.22
N PHE A 262 -25.36 -8.14 10.96
CA PHE A 262 -25.48 -8.29 12.40
C PHE A 262 -25.99 -6.97 12.99
N VAL A 263 -25.38 -5.86 12.60
CA VAL A 263 -25.79 -4.53 13.04
C VAL A 263 -27.28 -4.25 12.74
N PHE A 264 -27.73 -4.62 11.55
CA PHE A 264 -29.13 -4.39 11.20
C PHE A 264 -30.09 -5.19 12.06
N SER A 265 -29.73 -6.45 12.34
CA SER A 265 -30.50 -7.31 13.23
C SER A 265 -30.57 -6.67 14.61
N LEU A 266 -29.40 -6.28 15.13
CA LEU A 266 -29.33 -5.58 16.40
C LEU A 266 -30.23 -4.34 16.47
N VAL A 267 -30.13 -3.49 15.44
CA VAL A 267 -30.88 -2.24 15.44
C VAL A 267 -32.38 -2.46 15.29
N ASP A 268 -32.76 -3.38 14.40
CA ASP A 268 -34.13 -3.80 14.29
C ASP A 268 -34.67 -4.22 15.67
N ALA A 269 -33.89 -5.07 16.36
CA ALA A 269 -34.30 -5.57 17.68
C ALA A 269 -34.44 -4.42 18.68
N MET A 270 -33.52 -3.47 18.61
CA MET A 270 -33.54 -2.29 19.47
C MET A 270 -34.73 -1.43 19.19
N ASN A 271 -35.23 -1.42 17.96
CA ASN A 271 -36.46 -0.70 17.62
C ASN A 271 -37.72 -1.46 17.94
N GLY A 272 -37.61 -2.63 18.58
CA GLY A 272 -38.76 -3.42 18.99
C GLY A 272 -39.23 -4.48 18.02
N LYS A 273 -38.50 -4.70 16.93
CA LYS A 273 -38.81 -5.80 16.03
C LYS A 273 -38.70 -7.10 16.82
N GLU A 274 -39.65 -8.00 16.61
CA GLU A 274 -39.66 -9.28 17.31
C GLU A 274 -39.14 -10.47 16.49
N GLY A 275 -38.58 -11.45 17.17
CA GLY A 275 -38.11 -12.64 16.54
C GLY A 275 -36.77 -12.53 15.85
N VAL A 276 -35.99 -11.53 16.21
CA VAL A 276 -34.68 -11.37 15.56
C VAL A 276 -33.67 -12.27 16.29
N VAL A 277 -33.10 -13.22 15.55
CA VAL A 277 -32.13 -14.16 16.09
C VAL A 277 -30.82 -14.12 15.34
N GLU A 278 -29.72 -14.01 16.08
CA GLU A 278 -28.38 -14.13 15.52
C GLU A 278 -27.50 -14.91 16.47
N CYS A 279 -26.67 -15.77 15.91
CA CYS A 279 -25.50 -16.30 16.63
C CYS A 279 -24.46 -15.23 16.90
N SER A 280 -23.88 -15.24 18.09
CA SER A 280 -22.81 -14.31 18.45
C SER A 280 -22.09 -14.89 19.68
N PHE A 281 -20.78 -14.65 19.73
CA PHE A 281 -19.90 -15.01 20.85
C PHE A 281 -20.07 -14.02 22.01
N VAL A 282 -20.73 -14.50 23.07
CA VAL A 282 -21.18 -13.66 24.17
C VAL A 282 -20.90 -14.32 25.53
N LYS A 283 -20.96 -13.55 26.62
CA LYS A 283 -20.98 -14.12 27.96
C LYS A 283 -22.08 -15.19 28.00
N SER A 284 -21.72 -16.38 28.50
CA SER A 284 -22.56 -17.57 28.32
C SER A 284 -22.44 -18.52 29.49
N GLN A 285 -23.54 -19.17 29.81
CA GLN A 285 -23.55 -20.23 30.76
C GLN A 285 -24.13 -21.49 30.10
N GLU A 286 -24.10 -21.58 28.77
CA GLU A 286 -24.58 -22.78 28.07
C GLU A 286 -23.60 -23.98 28.21
N THR A 287 -22.32 -23.69 28.43
CA THR A 287 -21.28 -24.71 28.62
C THR A 287 -20.43 -24.25 29.78
N GLU A 288 -19.41 -25.03 30.12
CA GLU A 288 -18.40 -24.53 31.08
C GLU A 288 -17.58 -23.32 30.58
N CYS A 289 -17.59 -23.01 29.29
CA CYS A 289 -16.91 -21.82 28.81
C CYS A 289 -17.67 -20.58 29.22
N THR A 290 -16.96 -19.57 29.70
CA THR A 290 -17.66 -18.40 30.23
C THR A 290 -18.11 -17.48 29.10
N TYR A 291 -17.53 -17.68 27.92
CA TYR A 291 -17.97 -17.02 26.67
C TYR A 291 -18.15 -18.11 25.61
N PHE A 292 -19.12 -17.92 24.72
CA PHE A 292 -19.54 -18.98 23.81
C PHE A 292 -20.64 -18.45 22.88
N SER A 293 -20.65 -18.92 21.64
CA SER A 293 -21.61 -18.51 20.63
C SER A 293 -22.74 -19.50 20.51
N THR A 294 -23.96 -18.97 20.63
CA THR A 294 -25.16 -19.72 20.32
C THR A 294 -26.16 -18.74 19.69
N PRO A 295 -27.27 -19.28 19.15
CA PRO A 295 -28.34 -18.35 18.70
C PRO A 295 -28.93 -17.58 19.89
N LEU A 296 -29.05 -16.25 19.69
CA LEU A 296 -29.51 -15.29 20.65
C LEU A 296 -30.73 -14.59 20.06
N LEU A 297 -31.84 -14.62 20.79
CA LEU A 297 -32.95 -13.72 20.54
C LEU A 297 -32.54 -12.30 20.97
N LEU A 298 -32.57 -11.36 20.03
CA LEU A 298 -32.17 -9.98 20.30
C LEU A 298 -33.41 -9.15 20.68
N GLY A 299 -33.23 -8.14 21.50
CA GLY A 299 -34.36 -7.30 21.93
C GLY A 299 -33.90 -5.89 22.22
N LYS A 300 -34.79 -5.13 22.84
CA LYS A 300 -34.57 -3.71 23.08
C LYS A 300 -33.37 -3.46 23.99
N LYS A 301 -33.05 -4.44 24.84
CA LYS A 301 -31.91 -4.37 25.79
C LYS A 301 -30.61 -5.07 25.34
N GLY A 302 -30.59 -5.55 24.10
CA GLY A 302 -29.46 -6.32 23.56
C GLY A 302 -29.85 -7.78 23.51
N ILE A 303 -29.15 -8.62 24.25
CA ILE A 303 -29.58 -10.02 24.38
C ILE A 303 -30.87 -10.09 25.19
N GLU A 304 -31.94 -10.58 24.54
CA GLU A 304 -33.20 -10.88 25.21
C GLU A 304 -33.19 -12.27 25.85
N LYS A 305 -32.72 -13.27 25.11
CA LYS A 305 -32.63 -14.61 25.64
C LYS A 305 -31.57 -15.34 24.86
N ASN A 306 -30.72 -16.05 25.57
CA ASN A 306 -29.84 -17.04 24.96
C ASN A 306 -30.64 -18.28 24.66
N LEU A 307 -30.75 -18.64 23.39
CA LEU A 307 -31.69 -19.70 22.99
C LEU A 307 -31.15 -21.10 23.20
N GLY A 308 -29.87 -21.22 23.55
CA GLY A 308 -29.33 -22.54 23.85
C GLY A 308 -28.63 -23.20 22.66
N ILE A 309 -27.86 -24.24 22.95
CA ILE A 309 -27.27 -25.06 21.91
C ILE A 309 -28.34 -25.89 21.20
N GLY A 310 -29.31 -26.34 21.98
CA GLY A 310 -30.28 -27.32 21.54
C GLY A 310 -29.78 -28.74 21.41
N LYS A 311 -30.68 -29.56 20.88
CA LYS A 311 -30.46 -30.94 20.50
C LYS A 311 -29.47 -31.00 19.33
N VAL A 312 -28.41 -31.80 19.46
CA VAL A 312 -27.34 -31.88 18.43
C VAL A 312 -27.03 -33.37 18.17
N SER A 313 -26.37 -33.66 17.05
CA SER A 313 -25.95 -35.02 16.73
C SER A 313 -24.73 -35.45 17.52
N SER A 314 -24.39 -36.74 17.47
CA SER A 314 -23.18 -37.25 18.08
C SER A 314 -21.95 -36.53 17.55
N PHE A 315 -21.87 -36.39 16.23
CA PHE A 315 -20.74 -35.67 15.55
C PHE A 315 -20.59 -34.28 16.11
N GLU A 316 -21.71 -33.57 16.21
CA GLU A 316 -21.71 -32.21 16.74
C GLU A 316 -21.35 -32.15 18.25
N GLU A 317 -21.87 -33.07 19.04
CA GLU A 317 -21.49 -33.14 20.47
C GLU A 317 -19.97 -33.34 20.65
N LYS A 318 -19.37 -34.23 19.88
CA LYS A 318 -17.92 -34.42 19.95
C LYS A 318 -17.16 -33.15 19.55
N MET A 319 -17.59 -32.47 18.49
CA MET A 319 -16.97 -31.20 18.15
C MET A 319 -17.06 -30.22 19.32
N ILE A 320 -18.22 -30.12 19.98
CA ILE A 320 -18.36 -29.21 21.14
C ILE A 320 -17.35 -29.60 22.21
N SER A 321 -17.31 -30.91 22.47
CA SER A 321 -16.40 -31.43 23.48
C SER A 321 -14.94 -31.11 23.13
N ASP A 322 -14.59 -31.32 21.88
CA ASP A 322 -13.25 -31.10 21.41
C ASP A 322 -12.84 -29.63 21.44
N ALA A 323 -13.78 -28.72 21.25
CA ALA A 323 -13.49 -27.27 21.17
C ALA A 323 -13.21 -26.62 22.53
N ILE A 324 -13.71 -27.21 23.60
CA ILE A 324 -13.86 -26.50 24.88
C ILE A 324 -12.51 -26.07 25.48
N PRO A 325 -11.53 -26.97 25.51
CA PRO A 325 -10.19 -26.57 25.97
C PRO A 325 -9.58 -25.38 25.21
N GLU A 326 -9.67 -25.37 23.87
CA GLU A 326 -9.12 -24.25 23.13
C GLU A 326 -9.85 -22.94 23.46
N LEU A 327 -11.18 -23.01 23.58
CA LEU A 327 -11.97 -21.83 23.94
C LEU A 327 -11.60 -21.30 25.33
N LYS A 328 -11.51 -22.18 26.33
CA LYS A 328 -11.07 -21.80 27.68
C LYS A 328 -9.69 -21.13 27.65
N ALA A 329 -8.74 -21.70 26.91
CA ALA A 329 -7.40 -21.11 26.88
C ALA A 329 -7.44 -19.68 26.27
N SER A 330 -8.24 -19.49 25.22
CA SER A 330 -8.33 -18.17 24.58
C SER A 330 -9.03 -17.14 25.47
N ILE A 331 -10.10 -17.55 26.16
CA ILE A 331 -10.75 -16.69 27.14
C ILE A 331 -9.75 -16.27 28.21
N LYS A 332 -9.03 -17.24 28.75
CA LYS A 332 -8.06 -16.95 29.83
C LYS A 332 -6.96 -15.96 29.41
N LYS A 333 -6.50 -16.10 28.18
CA LYS A 333 -5.45 -15.24 27.64
C LYS A 333 -5.95 -13.80 27.61
N GLY A 334 -7.19 -13.60 27.21
CA GLY A 334 -7.77 -12.27 27.17
C GLY A 334 -7.89 -11.70 28.57
N GLU A 335 -8.44 -12.48 29.47
CA GLU A 335 -8.61 -12.04 30.87
C GLU A 335 -7.26 -11.70 31.54
N ASP A 336 -6.28 -12.58 31.33
CA ASP A 336 -4.95 -12.37 31.86
C ASP A 336 -4.31 -11.05 31.37
N PHE A 337 -4.58 -10.69 30.12
CA PHE A 337 -3.99 -9.48 29.54
C PHE A 337 -4.53 -8.23 30.25
N VAL A 338 -5.84 -8.22 30.52
CA VAL A 338 -6.45 -7.06 31.16
C VAL A 338 -5.91 -6.92 32.59
N LYS A 339 -5.59 -8.04 33.23
CA LYS A 339 -4.91 -8.02 34.54
C LYS A 339 -3.59 -7.24 34.53
N THR A 340 -2.91 -7.22 33.39
CA THR A 340 -1.65 -6.48 33.26
C THR A 340 -1.82 -4.98 33.08
N LEU A 341 -3.03 -4.49 32.80
CA LEU A 341 -3.21 -3.09 32.34
C LEU A 341 -3.12 -2.03 33.44
N ASN B 28 -31.31 -14.38 -14.28
CA ASN B 28 -31.32 -12.90 -14.29
C ASN B 28 -29.98 -12.35 -14.86
N ALA B 29 -29.50 -11.18 -14.40
CA ALA B 29 -28.47 -10.45 -15.15
C ALA B 29 -27.04 -10.88 -14.90
N LYS B 30 -26.29 -10.99 -16.00
CA LYS B 30 -24.89 -11.35 -15.96
C LYS B 30 -24.08 -10.07 -16.17
N VAL B 31 -23.36 -9.70 -15.13
CA VAL B 31 -22.64 -8.44 -15.04
C VAL B 31 -21.13 -8.73 -14.87
N ALA B 32 -20.31 -8.08 -15.70
CA ALA B 32 -18.86 -8.06 -15.53
C ALA B 32 -18.43 -6.70 -14.97
N VAL B 33 -17.42 -6.72 -14.09
CA VAL B 33 -16.75 -5.54 -13.56
C VAL B 33 -15.29 -5.64 -14.01
N LEU B 34 -14.89 -4.71 -14.87
CA LEU B 34 -13.51 -4.59 -15.37
C LEU B 34 -12.80 -3.51 -14.57
N GLY B 35 -11.79 -3.92 -13.80
CA GLY B 35 -11.20 -3.11 -12.75
C GLY B 35 -11.71 -3.46 -11.36
N ALA B 36 -12.08 -4.72 -11.14
CA ALA B 36 -12.82 -5.14 -9.93
C ALA B 36 -12.06 -5.08 -8.61
N SER B 37 -10.73 -4.97 -8.65
CA SER B 37 -9.91 -4.99 -7.42
C SER B 37 -9.60 -3.59 -6.91
N GLY B 38 -10.03 -2.58 -7.64
CA GLY B 38 -9.72 -1.19 -7.30
C GLY B 38 -10.60 -0.60 -6.21
N GLY B 39 -10.36 0.68 -5.92
CA GLY B 39 -11.07 1.40 -4.86
C GLY B 39 -12.58 1.38 -5.13
N ILE B 40 -12.98 1.61 -6.37
CA ILE B 40 -14.41 1.53 -6.73
C ILE B 40 -14.82 0.08 -6.97
N GLY B 41 -13.96 -0.65 -7.68
CA GLY B 41 -14.33 -1.98 -8.14
C GLY B 41 -14.73 -2.93 -7.03
N GLN B 42 -14.03 -2.90 -5.90
CA GLN B 42 -14.36 -3.87 -4.86
C GLN B 42 -15.76 -3.58 -4.24
N PRO B 43 -15.99 -2.35 -3.72
CA PRO B 43 -17.34 -2.12 -3.13
C PRO B 43 -18.47 -2.12 -4.16
N LEU B 44 -18.18 -1.75 -5.40
CA LEU B 44 -19.15 -1.90 -6.47
C LEU B 44 -19.51 -3.38 -6.63
N SER B 45 -18.49 -4.23 -6.68
CA SER B 45 -18.72 -5.68 -6.79
C SER B 45 -19.53 -6.24 -5.58
N LEU B 46 -19.27 -5.70 -4.39
CA LEU B 46 -20.03 -6.07 -3.23
C LEU B 46 -21.51 -5.72 -3.41
N LEU B 47 -21.78 -4.47 -3.78
CA LEU B 47 -23.17 -4.03 -3.96
C LEU B 47 -23.90 -4.87 -5.00
N LEU B 48 -23.20 -5.26 -6.07
CA LEU B 48 -23.79 -6.10 -7.13
C LEU B 48 -24.04 -7.53 -6.64
N LYS B 49 -23.08 -8.07 -5.90
CA LYS B 49 -23.21 -9.40 -5.32
C LYS B 49 -24.40 -9.44 -4.37
N ASN B 50 -24.62 -8.37 -3.63
CA ASN B 50 -25.71 -8.31 -2.69
C ASN B 50 -27.09 -8.27 -3.38
N SER B 51 -27.14 -8.02 -4.69
CA SER B 51 -28.41 -7.78 -5.37
C SER B 51 -29.00 -9.04 -5.96
N PRO B 52 -30.31 -9.25 -5.74
CA PRO B 52 -31.01 -10.37 -6.37
C PRO B 52 -31.23 -10.17 -7.87
N LEU B 53 -30.93 -8.98 -8.40
CA LEU B 53 -31.06 -8.75 -9.84
C LEU B 53 -29.94 -9.44 -10.60
N VAL B 54 -28.87 -9.83 -9.88
CA VAL B 54 -27.62 -10.28 -10.54
C VAL B 54 -27.49 -11.79 -10.40
N SER B 55 -27.43 -12.51 -11.51
CA SER B 55 -27.31 -13.97 -11.47
C SER B 55 -25.87 -14.44 -11.57
N ARG B 56 -25.02 -13.67 -12.23
CA ARG B 56 -23.63 -14.05 -12.37
C ARG B 56 -22.78 -12.80 -12.35
N LEU B 57 -21.74 -12.83 -11.52
CA LEU B 57 -20.84 -11.70 -11.39
C LEU B 57 -19.41 -12.13 -11.78
N THR B 58 -18.89 -11.55 -12.85
CA THR B 58 -17.57 -11.92 -13.28
C THR B 58 -16.69 -10.70 -13.07
N LEU B 59 -15.55 -10.95 -12.40
CA LEU B 59 -14.66 -9.90 -11.94
C LEU B 59 -13.32 -10.00 -12.69
N TYR B 60 -12.86 -8.87 -13.23
CA TYR B 60 -11.61 -8.83 -13.98
C TYR B 60 -10.70 -7.69 -13.51
N ASP B 61 -9.41 -7.99 -13.40
CA ASP B 61 -8.42 -6.98 -13.11
C ASP B 61 -7.02 -7.50 -13.58
N ILE B 62 -6.03 -6.63 -13.58
CA ILE B 62 -4.65 -7.04 -13.84
C ILE B 62 -3.92 -7.48 -12.55
N ALA B 63 -4.57 -7.29 -11.41
CA ALA B 63 -4.01 -7.60 -10.09
C ALA B 63 -5.12 -7.96 -9.12
N HIS B 64 -4.85 -8.96 -8.27
CA HIS B 64 -5.58 -9.23 -7.01
C HIS B 64 -6.97 -9.86 -7.17
N THR B 65 -7.42 -10.05 -8.41
CA THR B 65 -8.80 -10.50 -8.64
C THR B 65 -9.21 -11.84 -7.99
N PRO B 66 -8.32 -12.85 -8.03
CA PRO B 66 -8.67 -14.16 -7.42
C PRO B 66 -9.07 -14.06 -5.95
N GLY B 67 -8.39 -13.22 -5.18
CA GLY B 67 -8.72 -13.07 -3.76
C GLY B 67 -10.01 -12.31 -3.52
N VAL B 68 -10.29 -11.35 -4.39
CA VAL B 68 -11.49 -10.56 -4.28
C VAL B 68 -12.70 -11.44 -4.56
N ALA B 69 -12.61 -12.24 -5.62
CA ALA B 69 -13.63 -13.21 -5.98
C ALA B 69 -13.86 -14.24 -4.86
N ALA B 70 -12.78 -14.74 -4.25
CA ALA B 70 -12.90 -15.73 -3.15
C ALA B 70 -13.73 -15.14 -1.99
N ASP B 71 -13.35 -13.93 -1.60
CA ASP B 71 -14.00 -13.16 -0.52
C ASP B 71 -15.50 -13.03 -0.82
N LEU B 72 -15.82 -12.37 -1.94
CA LEU B 72 -17.21 -12.19 -2.35
C LEU B 72 -18.01 -13.50 -2.54
N SER B 73 -17.35 -14.57 -2.94
CA SER B 73 -18.06 -15.82 -3.18
C SER B 73 -18.71 -16.44 -1.91
N HIS B 74 -18.27 -15.97 -0.73
CA HIS B 74 -18.82 -16.47 0.51
C HIS B 74 -20.14 -15.83 0.92
N ILE B 75 -20.56 -14.75 0.26
CA ILE B 75 -21.81 -14.04 0.66
C ILE B 75 -23.01 -14.85 0.22
N GLU B 76 -23.99 -14.95 1.13
CA GLU B 76 -25.15 -15.82 1.01
C GLU B 76 -26.26 -15.31 0.07
N THR B 77 -25.88 -14.94 -1.14
CA THR B 77 -26.78 -14.52 -2.20
C THR B 77 -26.53 -15.38 -3.43
N LYS B 78 -27.48 -15.33 -4.37
CA LYS B 78 -27.51 -16.30 -5.49
C LYS B 78 -26.39 -16.10 -6.51
N ALA B 79 -25.91 -14.88 -6.72
CA ALA B 79 -24.95 -14.59 -7.81
C ALA B 79 -23.68 -15.42 -7.71
N ALA B 80 -23.36 -16.14 -8.79
CA ALA B 80 -22.13 -16.89 -8.90
C ALA B 80 -21.03 -15.87 -9.15
N VAL B 81 -19.97 -15.93 -8.36
CA VAL B 81 -18.84 -15.01 -8.50
C VAL B 81 -17.62 -15.71 -9.11
N LYS B 82 -16.97 -15.11 -10.11
CA LYS B 82 -15.81 -15.73 -10.72
C LYS B 82 -14.80 -14.63 -11.01
N GLY B 83 -13.55 -14.89 -10.63
CA GLY B 83 -12.48 -13.91 -10.78
C GLY B 83 -11.58 -14.22 -11.95
N TYR B 84 -11.10 -13.18 -12.63
CA TYR B 84 -10.23 -13.35 -13.80
C TYR B 84 -9.07 -12.35 -13.72
N LEU B 85 -7.87 -12.79 -14.10
CA LEU B 85 -6.67 -12.01 -13.87
C LEU B 85 -5.82 -11.95 -15.15
N GLY B 86 -5.58 -10.72 -15.64
CA GLY B 86 -4.75 -10.50 -16.83
C GLY B 86 -5.42 -10.80 -18.17
N PRO B 87 -4.89 -10.19 -19.24
CA PRO B 87 -5.59 -10.13 -20.54
C PRO B 87 -5.89 -11.46 -21.18
N GLU B 88 -5.08 -12.47 -20.88
CA GLU B 88 -5.36 -13.82 -21.35
C GLU B 88 -6.67 -14.38 -20.77
N GLN B 89 -7.13 -13.82 -19.65
CA GLN B 89 -8.38 -14.28 -19.02
C GLN B 89 -9.59 -13.37 -19.25
N LEU B 90 -9.35 -12.23 -19.87
CA LEU B 90 -10.41 -11.23 -20.11
C LEU B 90 -11.58 -11.76 -20.97
N PRO B 91 -11.29 -12.54 -22.04
CA PRO B 91 -12.44 -13.05 -22.81
C PRO B 91 -13.41 -13.90 -22.02
N ASP B 92 -12.93 -14.80 -21.16
CA ASP B 92 -13.83 -15.63 -20.35
C ASP B 92 -14.63 -14.84 -19.33
N CYS B 93 -14.08 -13.73 -18.85
CA CYS B 93 -14.85 -12.84 -17.98
C CYS B 93 -16.07 -12.28 -18.72
N LEU B 94 -15.86 -11.96 -19.99
CA LEU B 94 -16.83 -11.19 -20.77
C LEU B 94 -17.91 -12.03 -21.47
N LYS B 95 -17.59 -13.28 -21.82
CA LYS B 95 -18.56 -14.09 -22.58
C LYS B 95 -19.92 -14.19 -21.86
N GLY B 96 -20.99 -13.87 -22.58
CA GLY B 96 -22.35 -14.04 -22.11
C GLY B 96 -22.87 -12.90 -21.25
N CYS B 97 -22.05 -11.88 -21.02
CA CYS B 97 -22.43 -10.76 -20.19
C CYS B 97 -23.53 -9.94 -20.82
N ASP B 98 -24.41 -9.43 -19.97
CA ASP B 98 -25.49 -8.52 -20.34
C ASP B 98 -25.14 -7.07 -20.07
N VAL B 99 -24.32 -6.86 -19.03
CA VAL B 99 -23.82 -5.53 -18.64
C VAL B 99 -22.36 -5.64 -18.28
N VAL B 100 -21.57 -4.65 -18.70
CA VAL B 100 -20.15 -4.55 -18.33
C VAL B 100 -19.99 -3.15 -17.75
N VAL B 101 -19.48 -3.08 -16.53
CA VAL B 101 -19.15 -1.83 -15.88
C VAL B 101 -17.63 -1.74 -15.81
N ILE B 102 -17.09 -0.55 -16.08
CA ILE B 102 -15.65 -0.34 -16.24
C ILE B 102 -15.11 0.78 -15.38
N PRO B 103 -14.86 0.47 -14.09
CA PRO B 103 -14.18 1.41 -13.21
C PRO B 103 -12.68 1.39 -13.39
N ALA B 104 -12.15 0.52 -14.27
CA ALA B 104 -10.72 0.45 -14.51
C ALA B 104 -10.10 1.74 -14.96
N GLY B 105 -9.07 2.14 -14.22
CA GLY B 105 -8.29 3.31 -14.56
C GLY B 105 -7.64 3.92 -13.35
N VAL B 106 -6.82 4.93 -13.59
CA VAL B 106 -6.10 5.65 -12.54
C VAL B 106 -6.98 6.82 -12.04
N PRO B 107 -7.02 7.05 -10.73
CA PRO B 107 -7.72 8.19 -10.15
C PRO B 107 -6.85 9.42 -9.90
N ARG B 108 -7.49 10.58 -9.70
CA ARG B 108 -6.79 11.81 -9.39
C ARG B 108 -6.10 11.83 -8.03
N LYS B 109 -4.97 12.55 -8.03
CA LYS B 109 -4.31 13.07 -6.86
C LYS B 109 -4.73 14.53 -6.72
N PRO B 110 -4.60 15.11 -5.51
CA PRO B 110 -4.84 16.53 -5.31
C PRO B 110 -4.07 17.39 -6.32
N GLY B 111 -4.80 18.30 -6.96
CA GLY B 111 -4.23 19.27 -7.88
C GLY B 111 -4.52 18.88 -9.32
N MET B 112 -4.71 17.59 -9.57
CA MET B 112 -4.95 17.08 -10.92
C MET B 112 -6.29 17.50 -11.44
N THR B 113 -6.37 17.64 -12.76
CA THR B 113 -7.65 17.73 -13.45
C THR B 113 -7.93 16.33 -13.93
N ARG B 114 -9.17 16.05 -14.31
CA ARG B 114 -9.53 14.73 -14.84
C ARG B 114 -8.78 14.43 -16.15
N ASP B 115 -8.43 15.47 -16.90
CA ASP B 115 -7.66 15.29 -18.14
C ASP B 115 -6.20 14.86 -17.94
N ASP B 116 -5.63 15.12 -16.77
CA ASP B 116 -4.31 14.55 -16.44
C ASP B 116 -4.32 13.03 -16.47
N LEU B 117 -5.52 12.45 -16.41
CA LEU B 117 -5.69 10.97 -16.44
C LEU B 117 -5.86 10.42 -17.85
N PHE B 118 -5.96 11.31 -18.81
CA PHE B 118 -6.32 10.92 -20.16
C PHE B 118 -5.31 9.94 -20.77
N ASN B 119 -4.02 10.29 -20.76
CA ASN B 119 -3.01 9.43 -21.41
C ASN B 119 -3.05 7.98 -20.85
N THR B 120 -3.15 7.80 -19.54
CA THR B 120 -3.12 6.45 -19.01
C THR B 120 -4.50 5.73 -19.22
N ASN B 121 -5.60 6.45 -18.98
CA ASN B 121 -6.92 5.78 -19.05
C ASN B 121 -7.44 5.56 -20.49
N ALA B 122 -7.05 6.43 -21.41
CA ALA B 122 -7.47 6.28 -22.81
C ALA B 122 -7.08 4.88 -23.30
N THR B 123 -5.85 4.49 -23.00
CA THR B 123 -5.37 3.18 -23.43
C THR B 123 -6.08 2.05 -22.71
N ILE B 124 -6.29 2.20 -21.41
CA ILE B 124 -6.97 1.17 -20.61
C ILE B 124 -8.38 0.93 -21.15
N VAL B 125 -9.11 2.01 -21.33
CA VAL B 125 -10.47 1.94 -21.87
C VAL B 125 -10.51 1.37 -23.30
N ALA B 126 -9.62 1.83 -24.17
CA ALA B 126 -9.57 1.33 -25.56
C ALA B 126 -9.37 -0.18 -25.61
N THR B 127 -8.43 -0.67 -24.82
CA THR B 127 -8.09 -2.08 -24.79
C THR B 127 -9.25 -2.91 -24.24
N LEU B 128 -9.85 -2.43 -23.16
CA LEU B 128 -10.94 -3.17 -22.52
C LEU B 128 -12.22 -3.16 -23.33
N THR B 129 -12.58 -1.99 -23.83
CA THR B 129 -13.76 -1.90 -24.71
C THR B 129 -13.57 -2.69 -26.03
N ALA B 130 -12.33 -2.80 -26.51
CA ALA B 130 -12.06 -3.60 -27.70
C ALA B 130 -12.36 -5.08 -27.40
N ALA B 131 -11.99 -5.53 -26.22
CA ALA B 131 -12.30 -6.89 -25.79
C ALA B 131 -13.84 -7.06 -25.68
N CYS B 132 -14.55 -6.04 -25.19
CA CYS B 132 -16.02 -6.09 -25.12
C CYS B 132 -16.66 -6.19 -26.51
N ALA B 133 -16.20 -5.33 -27.41
CA ALA B 133 -16.67 -5.33 -28.78
C ALA B 133 -16.55 -6.72 -29.41
N GLN B 134 -15.48 -7.42 -29.06
CA GLN B 134 -15.23 -8.72 -29.64
C GLN B 134 -15.99 -9.86 -28.95
N HIS B 135 -16.18 -9.79 -27.63
CA HIS B 135 -16.69 -10.95 -26.88
C HIS B 135 -18.09 -10.77 -26.28
N CYS B 136 -18.56 -9.54 -26.19
CA CYS B 136 -19.93 -9.32 -25.73
C CYS B 136 -20.44 -8.03 -26.33
N PRO B 137 -20.47 -7.98 -27.68
CA PRO B 137 -20.87 -6.77 -28.41
C PRO B 137 -22.30 -6.27 -28.10
N GLU B 138 -23.15 -7.17 -27.61
CA GLU B 138 -24.55 -6.85 -27.31
C GLU B 138 -24.77 -6.30 -25.91
N ALA B 139 -23.75 -6.41 -25.04
CA ALA B 139 -23.87 -5.98 -23.63
C ALA B 139 -24.01 -4.47 -23.53
N MET B 140 -24.70 -4.04 -22.47
CA MET B 140 -24.65 -2.64 -22.07
C MET B 140 -23.24 -2.37 -21.54
N ILE B 141 -22.60 -1.30 -22.03
CA ILE B 141 -21.27 -0.90 -21.58
C ILE B 141 -21.35 0.38 -20.74
N CYS B 142 -20.93 0.28 -19.47
CA CYS B 142 -21.09 1.38 -18.52
C CYS B 142 -19.72 1.85 -18.08
N VAL B 143 -19.27 2.99 -18.60
CA VAL B 143 -17.94 3.48 -18.34
C VAL B 143 -17.89 4.48 -17.19
N ILE B 144 -17.10 4.13 -16.18
CA ILE B 144 -16.86 4.99 -14.99
C ILE B 144 -15.53 5.76 -15.16
N ALA B 145 -14.57 5.07 -15.75
CA ALA B 145 -13.18 5.58 -15.86
C ALA B 145 -13.14 7.00 -16.43
N ASN B 146 -12.30 7.85 -15.84
CA ASN B 146 -12.17 9.27 -16.24
C ASN B 146 -11.06 9.46 -17.26
N PRO B 147 -11.11 10.59 -18.02
CA PRO B 147 -12.22 11.55 -18.06
C PRO B 147 -13.37 11.03 -18.89
N VAL B 148 -14.53 10.88 -18.23
CA VAL B 148 -15.75 10.39 -18.90
C VAL B 148 -16.06 11.15 -20.20
N ASN B 149 -15.77 12.44 -20.23
CA ASN B 149 -16.16 13.27 -21.38
C ASN B 149 -15.38 12.87 -22.64
N SER B 150 -14.24 12.23 -22.42
CA SER B 150 -13.42 11.68 -23.50
C SER B 150 -13.48 10.15 -23.61
N THR B 151 -13.63 9.44 -22.50
CA THR B 151 -13.61 7.97 -22.55
C THR B 151 -14.86 7.35 -23.19
N ILE B 152 -15.99 8.07 -23.16
CA ILE B 152 -17.17 7.58 -23.88
C ILE B 152 -16.96 7.63 -25.40
N PRO B 153 -16.54 8.78 -25.95
CA PRO B 153 -16.19 8.80 -27.39
C PRO B 153 -15.14 7.75 -27.79
N ILE B 154 -14.18 7.47 -26.90
CA ILE B 154 -13.20 6.43 -27.17
C ILE B 154 -13.90 5.08 -27.39
N THR B 155 -14.79 4.75 -26.45
CA THR B 155 -15.52 3.49 -26.49
C THR B 155 -16.34 3.39 -27.75
N ALA B 156 -17.01 4.48 -28.13
CA ALA B 156 -17.81 4.50 -29.34
C ALA B 156 -16.96 4.21 -30.57
N GLU B 157 -15.83 4.88 -30.66
CA GLU B 157 -15.00 4.75 -31.85
C GLU B 157 -14.34 3.37 -31.89
N VAL B 158 -14.06 2.77 -30.72
CA VAL B 158 -13.54 1.41 -30.70
C VAL B 158 -14.61 0.42 -31.20
N PHE B 159 -15.83 0.57 -30.71
CA PHE B 159 -16.92 -0.28 -31.19
C PHE B 159 -17.18 -0.13 -32.70
N LYS B 160 -17.13 1.10 -33.21
CA LYS B 160 -17.22 1.34 -34.67
C LYS B 160 -16.11 0.64 -35.44
N LYS B 161 -14.89 0.68 -34.90
CA LYS B 161 -13.75 -0.01 -35.48
C LYS B 161 -14.00 -1.53 -35.63
N HIS B 162 -14.75 -2.11 -34.70
CA HIS B 162 -15.11 -3.53 -34.76
C HIS B 162 -16.44 -3.80 -35.44
N GLY B 163 -17.11 -2.74 -35.91
CA GLY B 163 -18.35 -2.84 -36.67
C GLY B 163 -19.57 -3.21 -35.85
N VAL B 164 -19.59 -2.89 -34.56
CA VAL B 164 -20.68 -3.28 -33.66
C VAL B 164 -21.20 -2.13 -32.80
N TYR B 165 -21.00 -0.89 -33.24
CA TYR B 165 -21.41 0.27 -32.45
C TYR B 165 -22.93 0.36 -32.37
N ASN B 166 -23.47 0.21 -31.17
CA ASN B 166 -24.86 0.53 -30.92
C ASN B 166 -24.91 1.71 -29.95
N PRO B 167 -25.25 2.91 -30.47
CA PRO B 167 -25.36 4.11 -29.66
C PRO B 167 -26.28 4.02 -28.43
N ASN B 168 -27.25 3.13 -28.46
CA ASN B 168 -28.19 3.02 -27.33
C ASN B 168 -27.73 2.14 -26.17
N LYS B 169 -26.48 1.63 -26.23
CA LYS B 169 -25.97 0.70 -25.21
C LYS B 169 -24.66 1.11 -24.56
N ILE B 170 -24.23 2.34 -24.79
CA ILE B 170 -22.97 2.84 -24.30
C ILE B 170 -23.26 4.05 -23.44
N PHE B 171 -22.83 3.99 -22.18
CA PHE B 171 -23.24 4.95 -21.16
C PHE B 171 -22.04 5.45 -20.36
N GLY B 172 -21.85 6.76 -20.30
CA GLY B 172 -20.87 7.36 -19.35
C GLY B 172 -21.59 7.63 -18.04
N VAL B 173 -21.11 6.99 -16.97
CA VAL B 173 -21.82 6.97 -15.73
C VAL B 173 -21.59 8.30 -15.01
N THR B 174 -22.62 9.14 -15.04
CA THR B 174 -22.59 10.43 -14.38
C THR B 174 -23.45 10.45 -13.12
N THR B 175 -23.90 9.28 -12.70
CA THR B 175 -24.90 9.16 -11.64
C THR B 175 -24.43 9.82 -10.34
N LEU B 176 -23.12 9.84 -10.10
CA LEU B 176 -22.65 10.42 -8.84
C LEU B 176 -22.90 11.92 -8.74
N ASP B 177 -22.93 12.60 -9.89
CA ASP B 177 -23.28 14.03 -9.93
C ASP B 177 -24.73 14.25 -9.50
N ILE B 178 -25.61 13.35 -9.93
CA ILE B 178 -27.04 13.36 -9.54
C ILE B 178 -27.20 13.08 -8.05
N VAL B 179 -26.47 12.07 -7.57
CA VAL B 179 -26.54 11.65 -6.18
C VAL B 179 -26.09 12.81 -5.29
N ARG B 180 -24.98 13.45 -5.66
CA ARG B 180 -24.50 14.60 -4.91
C ARG B 180 -25.52 15.75 -4.87
N ALA B 181 -26.12 16.05 -6.01
CA ALA B 181 -27.09 17.15 -6.13
C ALA B 181 -28.30 16.89 -5.21
N ASN B 182 -28.78 15.65 -5.20
CA ASN B 182 -29.91 15.25 -4.36
C ASN B 182 -29.57 15.45 -2.89
N THR B 183 -28.40 14.95 -2.49
CA THR B 183 -27.93 15.08 -1.10
C THR B 183 -27.80 16.56 -0.71
N PHE B 184 -27.18 17.36 -1.57
CA PHE B 184 -26.92 18.75 -1.24
C PHE B 184 -28.21 19.55 -1.17
N VAL B 185 -29.08 19.37 -2.14
CA VAL B 185 -30.37 20.07 -2.09
C VAL B 185 -31.15 19.65 -0.85
N ALA B 186 -31.17 18.34 -0.55
CA ALA B 186 -31.89 17.82 0.62
C ALA B 186 -31.39 18.45 1.91
N GLU B 187 -30.06 18.52 2.07
CA GLU B 187 -29.47 19.18 3.24
C GLU B 187 -29.93 20.62 3.39
N LEU B 188 -29.92 21.36 2.30
CA LEU B 188 -30.26 22.78 2.34
C LEU B 188 -31.72 23.02 2.66
N LYS B 189 -32.58 22.14 2.17
CA LYS B 189 -34.00 22.31 2.34
C LYS B 189 -34.64 21.47 3.43
N GLY B 190 -33.83 20.73 4.18
CA GLY B 190 -34.33 19.88 5.27
C GLY B 190 -35.26 18.80 4.78
N LEU B 191 -34.92 18.18 3.66
CA LEU B 191 -35.74 17.13 3.03
C LEU B 191 -35.03 15.79 3.11
N ASP B 192 -35.82 14.71 2.98
CA ASP B 192 -35.29 13.35 2.92
C ASP B 192 -34.68 13.19 1.54
N PRO B 193 -33.36 12.94 1.49
CA PRO B 193 -32.72 12.87 0.16
C PRO B 193 -33.29 11.75 -0.73
N ALA B 194 -33.87 10.73 -0.09
CA ALA B 194 -34.50 9.61 -0.79
C ALA B 194 -35.63 10.07 -1.71
N ARG B 195 -36.22 11.22 -1.39
CA ARG B 195 -37.35 11.75 -2.12
C ARG B 195 -37.00 12.93 -3.03
N VAL B 196 -35.72 13.25 -3.12
CA VAL B 196 -35.27 14.39 -3.93
C VAL B 196 -34.67 13.87 -5.24
N ASN B 197 -35.03 14.50 -6.35
CA ASN B 197 -34.49 14.12 -7.65
C ASN B 197 -34.18 15.39 -8.44
N VAL B 198 -32.89 15.67 -8.58
CA VAL B 198 -32.36 16.73 -9.41
C VAL B 198 -31.78 16.14 -10.71
N PRO B 199 -32.32 16.56 -11.87
CA PRO B 199 -31.68 16.25 -13.16
C PRO B 199 -30.34 16.99 -13.30
N VAL B 200 -29.32 16.29 -13.75
CA VAL B 200 -27.99 16.90 -14.01
C VAL B 200 -27.56 16.52 -15.40
N ILE B 201 -27.24 17.55 -16.18
CA ILE B 201 -26.98 17.42 -17.59
C ILE B 201 -25.60 17.96 -17.96
N GLY B 202 -25.23 17.73 -19.20
CA GLY B 202 -23.97 18.22 -19.75
C GLY B 202 -22.90 17.13 -19.83
N GLY B 203 -21.87 17.30 -19.01
CA GLY B 203 -20.77 16.35 -18.93
C GLY B 203 -20.37 16.08 -17.50
N HIS B 204 -19.21 15.43 -17.36
CA HIS B 204 -18.64 15.08 -16.09
C HIS B 204 -17.23 15.67 -15.92
N ALA B 205 -17.18 16.99 -15.87
CA ALA B 205 -15.99 17.72 -15.46
C ALA B 205 -16.32 19.18 -15.25
N GLY B 206 -16.10 19.65 -14.03
CA GLY B 206 -16.15 21.08 -13.71
C GLY B 206 -17.46 21.73 -14.15
N LYS B 207 -17.28 22.84 -14.86
CA LYS B 207 -18.39 23.59 -15.40
C LYS B 207 -19.26 22.87 -16.45
N THR B 208 -18.86 21.71 -16.95
CA THR B 208 -19.74 20.96 -17.85
C THR B 208 -20.79 20.20 -17.06
N ILE B 209 -20.64 20.16 -15.73
CA ILE B 209 -21.66 19.54 -14.86
C ILE B 209 -22.72 20.59 -14.60
N ILE B 210 -23.93 20.35 -15.09
CA ILE B 210 -24.99 21.38 -15.05
C ILE B 210 -26.22 20.85 -14.31
N PRO B 211 -26.36 21.21 -13.02
CA PRO B 211 -27.50 20.78 -12.22
C PRO B 211 -28.76 21.62 -12.53
N LEU B 212 -29.82 20.96 -12.98
CA LEU B 212 -31.10 21.64 -13.30
C LEU B 212 -31.99 21.75 -12.07
N ILE B 213 -31.57 22.61 -11.15
CA ILE B 213 -32.32 22.83 -9.92
C ILE B 213 -33.74 23.30 -10.24
N SER B 214 -33.91 24.04 -11.34
CA SER B 214 -35.27 24.42 -11.80
C SER B 214 -36.21 23.23 -12.10
N GLN B 215 -35.65 22.04 -12.31
CA GLN B 215 -36.46 20.84 -12.62
C GLN B 215 -36.42 19.83 -11.50
N CYS B 216 -35.95 20.27 -10.34
CA CYS B 216 -35.86 19.40 -9.19
C CYS B 216 -37.25 19.03 -8.70
N THR B 217 -37.40 17.78 -8.29
CA THR B 217 -38.59 17.32 -7.58
C THR B 217 -38.17 16.93 -6.16
N PRO B 218 -38.87 17.45 -5.15
CA PRO B 218 -39.95 18.42 -5.32
C PRO B 218 -39.38 19.79 -5.65
N LYS B 219 -40.26 20.67 -6.10
CA LYS B 219 -39.89 22.01 -6.48
C LYS B 219 -39.22 22.69 -5.29
N VAL B 220 -38.07 23.30 -5.53
CA VAL B 220 -37.36 24.03 -4.49
C VAL B 220 -37.02 25.47 -4.96
N ASP B 221 -37.20 26.42 -4.07
CA ASP B 221 -36.95 27.82 -4.37
C ASP B 221 -35.69 28.26 -3.64
N PHE B 222 -34.65 28.59 -4.41
CA PHE B 222 -33.42 29.15 -3.85
C PHE B 222 -33.24 30.55 -4.41
N PRO B 223 -32.90 31.53 -3.55
CA PRO B 223 -32.39 32.81 -4.12
C PRO B 223 -31.08 32.61 -4.84
N GLN B 224 -30.84 33.43 -5.87
CA GLN B 224 -29.67 33.24 -6.75
C GLN B 224 -28.33 33.08 -6.03
N ASP B 225 -28.17 33.72 -4.87
CA ASP B 225 -26.90 33.60 -4.14
C ASP B 225 -26.68 32.19 -3.57
N GLN B 226 -27.74 31.57 -3.08
CA GLN B 226 -27.63 30.19 -2.58
C GLN B 226 -27.54 29.24 -3.78
N LEU B 227 -28.21 29.60 -4.87
CA LEU B 227 -28.23 28.77 -6.06
C LEU B 227 -26.84 28.66 -6.69
N THR B 228 -26.15 29.79 -6.83
CA THR B 228 -24.85 29.75 -7.47
C THR B 228 -23.85 28.99 -6.57
N ALA B 229 -23.96 29.17 -5.27
CA ALA B 229 -23.11 28.46 -4.30
C ALA B 229 -23.33 26.94 -4.35
N LEU B 230 -24.61 26.56 -4.36
CA LEU B 230 -25.02 25.15 -4.47
C LEU B 230 -24.51 24.51 -5.76
N THR B 231 -24.70 25.24 -6.87
CA THR B 231 -24.25 24.80 -8.19
C THR B 231 -22.72 24.60 -8.27
N GLY B 232 -21.96 25.53 -7.71
CA GLY B 232 -20.50 25.36 -7.59
C GLY B 232 -20.09 24.18 -6.73
N ARG B 233 -20.78 23.99 -5.60
CA ARG B 233 -20.53 22.81 -4.74
C ARG B 233 -20.69 21.49 -5.54
N ILE B 234 -21.75 21.42 -6.34
CA ILE B 234 -21.99 20.23 -7.13
C ILE B 234 -20.85 20.05 -8.13
N GLN B 235 -20.50 21.13 -8.81
CA GLN B 235 -19.47 21.08 -9.85
C GLN B 235 -18.09 20.66 -9.29
N GLU B 236 -17.75 21.14 -8.09
CA GLU B 236 -16.42 20.96 -7.51
C GLU B 236 -16.34 19.78 -6.52
N ALA B 237 -17.45 19.03 -6.40
CA ALA B 237 -17.59 18.00 -5.36
C ALA B 237 -16.49 16.93 -5.38
N GLY B 238 -16.19 16.43 -6.58
CA GLY B 238 -15.13 15.45 -6.77
C GLY B 238 -13.80 15.98 -6.30
N THR B 239 -13.50 17.24 -6.65
CA THR B 239 -12.25 17.85 -6.26
C THR B 239 -12.21 17.99 -4.74
N GLU B 240 -13.35 18.26 -4.14
CA GLU B 240 -13.50 18.35 -2.68
C GLU B 240 -13.09 17.03 -2.01
N VAL B 241 -13.56 15.93 -2.59
CA VAL B 241 -13.24 14.61 -2.04
C VAL B 241 -11.77 14.22 -2.28
N VAL B 242 -11.22 14.51 -3.48
CA VAL B 242 -9.77 14.29 -3.73
C VAL B 242 -9.01 15.10 -2.68
N LYS B 243 -9.39 16.37 -2.46
CA LYS B 243 -8.70 17.16 -1.44
C LYS B 243 -8.76 16.52 -0.04
N ALA B 244 -9.96 16.13 0.37
CA ALA B 244 -10.17 15.50 1.67
C ALA B 244 -9.35 14.20 1.86
N LYS B 245 -9.24 13.40 0.81
CA LYS B 245 -8.45 12.14 0.88
C LYS B 245 -6.91 12.36 0.85
N ALA B 246 -6.52 13.59 0.49
CA ALA B 246 -5.16 14.05 0.64
C ALA B 246 -4.15 13.02 0.09
N GLY B 247 -4.42 12.49 -1.09
CA GLY B 247 -3.49 11.59 -1.80
C GLY B 247 -3.89 10.11 -1.81
N ALA B 248 -4.91 9.74 -1.04
CA ALA B 248 -5.33 8.35 -0.96
C ALA B 248 -6.49 8.06 -1.93
N GLY B 249 -6.55 8.80 -3.02
CA GLY B 249 -7.48 8.55 -4.07
C GLY B 249 -8.62 9.55 -4.15
N SER B 250 -9.63 9.15 -4.89
CA SER B 250 -10.80 9.97 -5.10
C SER B 250 -12.03 9.21 -4.61
N ALA B 251 -13.22 9.69 -4.97
CA ALA B 251 -14.46 9.05 -4.50
C ALA B 251 -14.56 7.58 -4.91
N THR B 252 -14.74 6.70 -3.93
CA THR B 252 -14.84 5.26 -4.19
C THR B 252 -16.16 4.68 -3.70
N LEU B 253 -16.46 4.89 -2.42
CA LEU B 253 -17.66 4.28 -1.79
C LEU B 253 -18.92 4.90 -2.38
N SER B 254 -18.92 6.23 -2.50
CA SER B 254 -20.05 6.95 -3.12
C SER B 254 -20.19 6.61 -4.60
N MET B 255 -19.09 6.34 -5.29
CA MET B 255 -19.18 5.90 -6.69
CA MET B 255 -19.14 5.90 -6.69
C MET B 255 -19.67 4.45 -6.79
N ALA B 256 -19.26 3.59 -5.86
CA ALA B 256 -19.83 2.24 -5.79
C ALA B 256 -21.34 2.34 -5.70
N TYR B 257 -21.82 3.18 -4.77
CA TYR B 257 -23.26 3.40 -4.60
C TYR B 257 -23.92 3.89 -5.92
N ALA B 258 -23.32 4.88 -6.55
CA ALA B 258 -23.90 5.52 -7.72
C ALA B 258 -23.84 4.57 -8.93
N GLY B 259 -22.74 3.85 -9.09
CA GLY B 259 -22.60 2.86 -10.16
C GLY B 259 -23.59 1.72 -10.04
N ALA B 260 -23.73 1.19 -8.82
CA ALA B 260 -24.69 0.13 -8.58
C ALA B 260 -26.12 0.62 -8.91
N ARG B 261 -26.47 1.79 -8.38
CA ARG B 261 -27.75 2.41 -8.69
C ARG B 261 -28.01 2.41 -10.18
N PHE B 262 -27.04 2.89 -10.94
CA PHE B 262 -27.20 3.01 -12.38
C PHE B 262 -27.41 1.64 -13.02
N VAL B 263 -26.54 0.71 -12.67
CA VAL B 263 -26.61 -0.67 -13.16
C VAL B 263 -27.99 -1.30 -12.82
N PHE B 264 -28.48 -1.08 -11.59
CA PHE B 264 -29.81 -1.59 -11.21
C PHE B 264 -30.92 -0.97 -12.03
N SER B 265 -30.82 0.32 -12.31
CA SER B 265 -31.83 0.98 -13.15
C SER B 265 -31.84 0.36 -14.52
N LEU B 266 -30.65 0.19 -15.09
CA LEU B 266 -30.51 -0.43 -16.40
C LEU B 266 -31.13 -1.82 -16.45
N VAL B 267 -30.79 -2.66 -15.48
CA VAL B 267 -31.22 -4.06 -15.46
C VAL B 267 -32.73 -4.18 -15.31
N ASP B 268 -33.30 -3.41 -14.39
CA ASP B 268 -34.76 -3.33 -14.22
C ASP B 268 -35.45 -2.98 -15.54
N ALA B 269 -34.91 -1.96 -16.20
CA ALA B 269 -35.39 -1.58 -17.54
C ALA B 269 -35.26 -2.75 -18.52
N MET B 270 -34.11 -3.44 -18.47
CA MET B 270 -33.90 -4.62 -19.31
C MET B 270 -34.93 -5.73 -19.01
N ASN B 271 -35.37 -5.83 -17.76
CA ASN B 271 -36.37 -6.81 -17.34
C ASN B 271 -37.82 -6.33 -17.59
N GLY B 272 -37.98 -5.20 -18.27
CA GLY B 272 -39.26 -4.69 -18.65
C GLY B 272 -39.91 -3.72 -17.69
N LYS B 273 -39.22 -3.29 -16.64
CA LYS B 273 -39.76 -2.22 -15.81
C LYS B 273 -39.96 -0.93 -16.63
N GLU B 274 -41.11 -0.28 -16.40
CA GLU B 274 -41.51 0.91 -17.12
C GLU B 274 -41.17 2.15 -16.34
N GLY B 275 -40.98 3.26 -17.07
CA GLY B 275 -40.70 4.55 -16.47
C GLY B 275 -39.33 4.68 -15.80
N VAL B 276 -38.35 3.88 -16.18
CA VAL B 276 -36.99 4.01 -15.62
C VAL B 276 -36.22 5.10 -16.35
N VAL B 277 -35.83 6.15 -15.61
CA VAL B 277 -35.12 7.32 -16.15
C VAL B 277 -33.82 7.53 -15.36
N GLU B 278 -32.70 7.64 -16.07
CA GLU B 278 -31.43 8.00 -15.46
C GLU B 278 -30.74 8.92 -16.46
N CYS B 279 -30.05 9.94 -15.92
CA CYS B 279 -29.17 10.80 -16.68
C CYS B 279 -27.89 10.02 -16.96
N SER B 280 -27.34 10.18 -18.16
CA SER B 280 -26.10 9.53 -18.52
C SER B 280 -25.48 10.22 -19.71
N PHE B 281 -24.16 10.15 -19.78
CA PHE B 281 -23.40 10.80 -20.86
C PHE B 281 -23.35 9.82 -22.04
N VAL B 282 -24.08 10.16 -23.10
CA VAL B 282 -24.36 9.24 -24.20
C VAL B 282 -24.24 9.98 -25.53
N LYS B 283 -24.16 9.21 -26.62
CA LYS B 283 -24.33 9.75 -27.96
C LYS B 283 -25.60 10.57 -27.99
N SER B 284 -25.53 11.82 -28.46
CA SER B 284 -26.67 12.71 -28.35
C SER B 284 -26.79 13.70 -29.51
N GLN B 285 -28.03 14.07 -29.80
CA GLN B 285 -28.33 15.08 -30.81
C GLN B 285 -29.14 16.21 -30.18
N GLU B 286 -29.15 16.30 -28.85
CA GLU B 286 -29.91 17.36 -28.17
C GLU B 286 -29.27 18.72 -28.42
N THR B 287 -27.94 18.76 -28.47
CA THR B 287 -27.21 19.97 -28.73
C THR B 287 -26.25 19.67 -29.87
N GLU B 288 -25.44 20.66 -30.26
CA GLU B 288 -24.39 20.43 -31.23
C GLU B 288 -23.25 19.52 -30.71
N CYS B 289 -23.16 19.31 -29.40
CA CYS B 289 -22.24 18.30 -28.87
C CYS B 289 -22.71 16.92 -29.27
N THR B 290 -21.79 16.13 -29.83
CA THR B 290 -22.15 14.81 -30.33
C THR B 290 -22.34 13.78 -29.20
N TYR B 291 -21.83 14.08 -28.01
CA TYR B 291 -22.10 13.31 -26.80
C TYR B 291 -22.49 14.28 -25.70
N PHE B 292 -23.43 13.87 -24.84
CA PHE B 292 -24.11 14.81 -23.92
C PHE B 292 -24.96 14.02 -22.92
N SER B 293 -25.00 14.45 -21.66
CA SER B 293 -25.84 13.83 -20.66
C SER B 293 -27.15 14.59 -20.52
N THR B 294 -28.24 13.85 -20.72
CA THR B 294 -29.60 14.24 -20.41
C THR B 294 -30.30 13.05 -19.73
N PRO B 295 -31.49 13.29 -19.13
CA PRO B 295 -32.33 12.20 -18.65
C PRO B 295 -32.71 11.30 -19.79
N LEU B 296 -32.60 9.99 -19.58
CA LEU B 296 -32.88 9.02 -20.61
C LEU B 296 -33.92 8.06 -20.08
N LEU B 297 -34.91 7.74 -20.89
CA LEU B 297 -35.87 6.67 -20.55
C LEU B 297 -35.19 5.40 -21.02
N LEU B 298 -34.99 4.46 -20.10
CA LEU B 298 -34.33 3.20 -20.43
C LEU B 298 -35.37 2.12 -20.70
N GLY B 299 -35.02 1.13 -21.52
CA GLY B 299 -35.94 0.02 -21.83
C GLY B 299 -35.15 -1.22 -22.17
N LYS B 300 -35.80 -2.17 -22.83
CA LYS B 300 -35.24 -3.49 -23.10
C LYS B 300 -33.99 -3.43 -23.99
N LYS B 301 -33.88 -2.38 -24.81
CA LYS B 301 -32.73 -2.24 -25.73
C LYS B 301 -31.69 -1.20 -25.28
N GLY B 302 -31.65 -0.88 -24.00
CA GLY B 302 -30.81 0.22 -23.53
C GLY B 302 -31.61 1.53 -23.55
N ILE B 303 -31.12 2.55 -24.25
CA ILE B 303 -31.81 3.85 -24.28
C ILE B 303 -33.11 3.73 -25.09
N GLU B 304 -34.26 3.98 -24.47
CA GLU B 304 -35.53 4.03 -25.18
C GLU B 304 -35.77 5.38 -25.81
N LYS B 305 -35.59 6.42 -25.01
CA LYS B 305 -35.85 7.78 -25.45
C LYS B 305 -34.99 8.77 -24.67
N ASN B 306 -34.31 9.64 -25.41
CA ASN B 306 -33.64 10.79 -24.82
C ASN B 306 -34.72 11.83 -24.51
N LEU B 307 -34.91 12.15 -23.24
CA LEU B 307 -35.94 13.07 -22.84
C LEU B 307 -35.48 14.53 -23.02
N GLY B 308 -34.22 14.73 -23.34
CA GLY B 308 -33.74 16.05 -23.71
C GLY B 308 -33.48 16.95 -22.51
N ILE B 309 -33.24 18.23 -22.81
CA ILE B 309 -32.92 19.23 -21.78
C ILE B 309 -34.19 19.75 -21.08
N GLY B 310 -35.23 19.98 -21.86
CA GLY B 310 -36.48 20.50 -21.33
C GLY B 310 -36.39 22.00 -21.08
N LYS B 311 -37.35 22.52 -20.29
CA LYS B 311 -37.40 23.93 -19.94
C LYS B 311 -36.36 24.26 -18.87
N VAL B 312 -35.53 25.26 -19.17
CA VAL B 312 -34.48 25.69 -18.27
C VAL B 312 -34.60 27.18 -17.96
N SER B 313 -34.06 27.59 -16.82
CA SER B 313 -33.93 29.02 -16.49
C SER B 313 -32.84 29.68 -17.33
N SER B 314 -32.83 31.01 -17.33
CA SER B 314 -31.78 31.76 -18.03
C SER B 314 -30.38 31.38 -17.55
N PHE B 315 -30.22 31.29 -16.24
CA PHE B 315 -28.98 30.86 -15.58
C PHE B 315 -28.48 29.50 -16.11
N GLU B 316 -29.40 28.54 -16.23
CA GLU B 316 -29.07 27.20 -16.75
C GLU B 316 -28.73 27.23 -18.25
N GLU B 317 -29.51 27.99 -19.02
CA GLU B 317 -29.21 28.17 -20.45
C GLU B 317 -27.77 28.67 -20.69
N LYS B 318 -27.34 29.63 -19.86
CA LYS B 318 -26.00 30.20 -19.98
C LYS B 318 -24.92 29.16 -19.64
N MET B 319 -25.16 28.37 -18.59
CA MET B 319 -24.25 27.26 -18.26
C MET B 319 -24.08 26.28 -19.41
N ILE B 320 -25.18 25.90 -20.05
CA ILE B 320 -25.11 24.96 -21.17
C ILE B 320 -24.28 25.59 -22.29
N SER B 321 -24.61 26.84 -22.60
CA SER B 321 -23.90 27.60 -23.61
C SER B 321 -22.40 27.65 -23.31
N ASP B 322 -22.04 28.02 -22.08
CA ASP B 322 -20.63 28.13 -21.70
C ASP B 322 -19.89 26.78 -21.70
N ALA B 323 -20.63 25.71 -21.43
CA ALA B 323 -20.04 24.36 -21.38
C ALA B 323 -19.69 23.77 -22.75
N ILE B 324 -20.37 24.19 -23.80
CA ILE B 324 -20.31 23.48 -25.07
C ILE B 324 -18.88 23.37 -25.66
N PRO B 325 -18.13 24.48 -25.72
CA PRO B 325 -16.72 24.42 -26.15
C PRO B 325 -15.86 23.33 -25.44
N GLU B 326 -15.87 23.31 -24.10
CA GLU B 326 -15.11 22.29 -23.35
C GLU B 326 -15.54 20.87 -23.72
N LEU B 327 -16.84 20.63 -23.79
CA LEU B 327 -17.35 19.32 -24.16
C LEU B 327 -16.90 18.91 -25.55
N LYS B 328 -17.03 19.80 -26.53
CA LYS B 328 -16.57 19.47 -27.89
C LYS B 328 -15.06 19.15 -27.97
N ALA B 329 -14.25 19.89 -27.23
CA ALA B 329 -12.81 19.66 -27.20
C ALA B 329 -12.49 18.27 -26.55
N SER B 330 -13.23 17.90 -25.51
CA SER B 330 -13.04 16.59 -24.85
C SER B 330 -13.45 15.43 -25.75
N ILE B 331 -14.54 15.61 -26.49
CA ILE B 331 -15.01 14.63 -27.45
C ILE B 331 -13.96 14.39 -28.55
N LYS B 332 -13.51 15.48 -29.17
CA LYS B 332 -12.43 15.43 -30.19
C LYS B 332 -11.16 14.77 -29.64
N LYS B 333 -10.79 15.07 -28.40
CA LYS B 333 -9.59 14.47 -27.81
C LYS B 333 -9.68 12.94 -27.82
N GLY B 334 -10.82 12.40 -27.38
CA GLY B 334 -11.02 10.94 -27.39
C GLY B 334 -10.97 10.33 -28.78
N GLU B 335 -11.71 10.96 -29.69
CA GLU B 335 -11.74 10.55 -31.10
C GLU B 335 -10.36 10.57 -31.73
N ASP B 336 -9.62 11.64 -31.51
CA ASP B 336 -8.26 11.75 -32.06
C ASP B 336 -7.36 10.62 -31.53
N PHE B 337 -7.52 10.26 -30.27
CA PHE B 337 -6.75 9.17 -29.69
C PHE B 337 -6.98 7.83 -30.39
N VAL B 338 -8.24 7.51 -30.67
CA VAL B 338 -8.54 6.21 -31.31
C VAL B 338 -7.96 6.18 -32.73
N LYS B 339 -7.83 7.35 -33.36
CA LYS B 339 -7.14 7.45 -34.67
C LYS B 339 -5.69 7.00 -34.60
N THR B 340 -5.05 7.10 -33.42
CA THR B 340 -3.65 6.75 -33.27
C THR B 340 -3.42 5.24 -33.10
N LEU B 341 -4.48 4.44 -32.92
CA LEU B 341 -4.35 3.01 -32.56
C LEU B 341 -4.05 2.10 -33.72
N ASN C 28 31.24 18.24 8.26
CA ASN C 28 31.02 18.13 6.81
C ASN C 28 29.60 18.67 6.43
N ALA C 29 28.95 18.08 5.44
CA ALA C 29 27.76 18.70 4.85
C ALA C 29 26.47 18.41 5.64
N LYS C 30 25.63 19.45 5.77
CA LYS C 30 24.30 19.31 6.34
C LYS C 30 23.28 19.24 5.23
N VAL C 31 22.62 18.08 5.10
CA VAL C 31 21.76 17.76 3.98
C VAL C 31 20.36 17.47 4.50
N ALA C 32 19.37 18.09 3.86
CA ALA C 32 17.95 17.80 4.09
C ALA C 32 17.36 17.03 2.92
N VAL C 33 16.48 16.06 3.22
CA VAL C 33 15.68 15.38 2.18
C VAL C 33 14.22 15.66 2.43
N LEU C 34 13.57 16.29 1.45
CA LEU C 34 12.16 16.65 1.59
C LEU C 34 11.34 15.62 0.74
N GLY C 35 10.50 14.86 1.40
CA GLY C 35 9.85 13.67 0.82
C GLY C 35 10.65 12.41 1.19
N ALA C 36 11.30 12.42 2.37
CA ALA C 36 12.25 11.38 2.78
C ALA C 36 11.62 9.99 3.08
N SER C 37 10.31 9.95 3.25
CA SER C 37 9.61 8.71 3.52
C SER C 37 9.19 7.96 2.27
N GLY C 38 9.44 8.53 1.10
CA GLY C 38 8.93 7.91 -0.13
C GLY C 38 9.87 6.86 -0.74
N GLY C 39 9.51 6.45 -1.95
CA GLY C 39 10.15 5.40 -2.69
C GLY C 39 11.60 5.77 -2.93
N ILE C 40 11.82 7.01 -3.38
CA ILE C 40 13.19 7.50 -3.51
C ILE C 40 13.81 7.95 -2.16
N GLY C 41 13.05 8.72 -1.41
CA GLY C 41 13.51 9.31 -0.18
C GLY C 41 14.20 8.38 0.81
N GLN C 42 13.65 7.19 1.02
CA GLN C 42 14.24 6.26 1.99
C GLN C 42 15.66 5.75 1.59
N PRO C 43 15.78 5.08 0.43
CA PRO C 43 17.08 4.65 -0.01
C PRO C 43 18.05 5.81 -0.23
N LEU C 44 17.57 6.98 -0.67
CA LEU C 44 18.47 8.10 -0.82
C LEU C 44 19.01 8.49 0.56
N SER C 45 18.12 8.53 1.55
CA SER C 45 18.49 8.92 2.91
C SER C 45 19.48 7.90 3.48
N LEU C 46 19.27 6.61 3.16
CA LEU C 46 20.26 5.59 3.53
C LEU C 46 21.65 5.85 2.96
N LEU C 47 21.70 6.15 1.66
CA LEU C 47 23.02 6.37 1.01
C LEU C 47 23.69 7.59 1.61
N LEU C 48 22.91 8.61 1.94
CA LEU C 48 23.46 9.81 2.54
C LEU C 48 23.95 9.51 3.93
N LYS C 49 23.15 8.80 4.72
CA LYS C 49 23.59 8.46 6.07
C LYS C 49 24.89 7.64 6.09
N ASN C 50 25.04 6.79 5.08
CA ASN C 50 26.23 5.97 4.93
C ASN C 50 27.52 6.73 4.61
N SER C 51 27.40 8.00 4.20
CA SER C 51 28.55 8.74 3.67
C SER C 51 29.29 9.59 4.71
N PRO C 52 30.63 9.49 4.72
CA PRO C 52 31.40 10.38 5.56
C PRO C 52 31.36 11.85 5.09
N LEU C 53 30.81 12.12 3.93
CA LEU C 53 30.60 13.49 3.49
C LEU C 53 29.46 14.21 4.22
N VAL C 54 28.57 13.47 4.91
CA VAL C 54 27.37 14.05 5.53
C VAL C 54 27.54 14.09 7.07
N SER C 55 27.46 15.27 7.68
CA SER C 55 27.54 15.34 9.17
C SER C 55 26.17 15.43 9.84
N ARG C 56 25.18 15.92 9.11
CA ARG C 56 23.80 16.04 9.62
C ARG C 56 22.81 15.73 8.50
N LEU C 57 21.83 14.87 8.79
CA LEU C 57 20.87 14.44 7.80
C LEU C 57 19.51 14.73 8.39
N THR C 58 18.83 15.71 7.82
CA THR C 58 17.52 16.10 8.34
C THR C 58 16.46 15.63 7.34
N LEU C 59 15.48 14.93 7.84
CA LEU C 59 14.49 14.30 6.98
C LEU C 59 13.09 14.89 7.22
N TYR C 60 12.39 15.15 6.11
CA TYR C 60 11.07 15.76 6.14
C TYR C 60 10.09 15.02 5.27
N ASP C 61 8.88 14.83 5.78
CA ASP C 61 7.74 14.32 5.00
C ASP C 61 6.47 14.72 5.73
N ILE C 62 5.34 14.47 5.09
CA ILE C 62 4.04 14.74 5.65
C ILE C 62 3.52 13.43 6.28
N ALA C 63 4.24 12.32 6.11
CA ALA C 63 3.90 11.05 6.74
C ALA C 63 5.17 10.22 6.99
N HIS C 64 5.15 9.46 8.10
CA HIS C 64 6.11 8.37 8.39
C HIS C 64 7.55 8.76 8.79
N THR C 65 7.91 10.05 8.75
CA THR C 65 9.30 10.43 8.93
C THR C 65 9.91 9.99 10.26
N PRO C 66 9.15 10.08 11.37
CA PRO C 66 9.76 9.69 12.62
C PRO C 66 10.28 8.26 12.64
N GLY C 67 9.55 7.35 12.03
CA GLY C 67 9.99 5.95 11.98
C GLY C 67 11.19 5.77 11.06
N VAL C 68 11.20 6.48 9.93
CA VAL C 68 12.35 6.46 9.04
C VAL C 68 13.62 6.99 9.74
N ALA C 69 13.49 8.11 10.43
CA ALA C 69 14.61 8.67 11.21
C ALA C 69 15.14 7.74 12.33
N ALA C 70 14.22 7.11 13.08
CA ALA C 70 14.56 6.16 14.13
C ALA C 70 15.42 5.04 13.61
N ASP C 71 14.96 4.46 12.49
CA ASP C 71 15.62 3.35 11.81
C ASP C 71 17.03 3.79 11.38
N LEU C 72 17.14 4.87 10.62
CA LEU C 72 18.44 5.34 10.10
C LEU C 72 19.42 5.73 11.22
N SER C 73 18.89 6.25 12.33
CA SER C 73 19.71 6.70 13.42
C SER C 73 20.55 5.60 14.10
N HIS C 74 20.16 4.33 13.91
CA HIS C 74 20.90 3.21 14.48
C HIS C 74 22.18 2.88 13.68
N ILE C 75 22.34 3.41 12.50
CA ILE C 75 23.50 3.09 11.68
C ILE C 75 24.79 3.73 12.22
N GLU C 76 25.84 2.93 12.30
CA GLU C 76 27.15 3.26 12.94
C GLU C 76 28.04 4.23 12.15
N THR C 77 27.43 5.29 11.66
CA THR C 77 28.13 6.36 10.99
C THR C 77 27.88 7.67 11.70
N LYS C 78 28.67 8.68 11.32
CA LYS C 78 28.71 9.95 12.02
C LYS C 78 27.46 10.79 11.90
N ALA C 79 26.83 10.81 10.75
CA ALA C 79 25.73 11.78 10.50
C ALA C 79 24.63 11.67 11.57
N ALA C 80 24.32 12.78 12.22
CA ALA C 80 23.18 12.86 13.13
C ALA C 80 21.93 12.89 12.26
N VAL C 81 20.98 12.01 12.53
CA VAL C 81 19.73 11.91 11.78
C VAL C 81 18.59 12.46 12.61
N LYS C 82 17.82 13.35 12.00
CA LYS C 82 16.67 13.98 12.67
C LYS C 82 15.48 13.97 11.72
N GLY C 83 14.32 13.57 12.23
CA GLY C 83 13.11 13.45 11.42
C GLY C 83 12.08 14.54 11.77
N TYR C 84 11.41 15.05 10.74
CA TYR C 84 10.44 16.11 10.87
C TYR C 84 9.18 15.75 10.11
N LEU C 85 8.04 16.14 10.68
CA LEU C 85 6.73 15.68 10.20
C LEU C 85 5.71 16.84 10.18
N GLY C 86 5.22 17.17 9.01
CA GLY C 86 4.19 18.21 8.84
C GLY C 86 4.75 19.63 8.77
N PRO C 87 4.00 20.54 8.13
CA PRO C 87 4.51 21.89 7.86
C PRO C 87 5.05 22.66 9.06
N GLU C 88 4.45 22.47 10.22
CA GLU C 88 4.95 23.15 11.42
C GLU C 88 6.45 22.80 11.67
N GLN C 89 6.86 21.60 11.30
CA GLN C 89 8.24 21.14 11.54
C GLN C 89 9.22 21.34 10.38
N LEU C 90 8.73 21.77 9.22
CA LEU C 90 9.57 21.91 8.05
C LEU C 90 10.72 22.93 8.27
N PRO C 91 10.41 24.12 8.82
CA PRO C 91 11.51 25.08 9.06
C PRO C 91 12.69 24.52 9.88
N ASP C 92 12.40 23.70 10.89
CA ASP C 92 13.45 23.09 11.69
C ASP C 92 14.29 22.10 10.91
N CYS C 93 13.69 21.48 9.89
CA CYS C 93 14.43 20.59 8.99
C CYS C 93 15.46 21.37 8.17
N LEU C 94 15.09 22.59 7.78
CA LEU C 94 15.87 23.34 6.82
C LEU C 94 16.95 24.26 7.40
N LYS C 95 16.79 24.68 8.66
CA LYS C 95 17.70 25.65 9.27
C LYS C 95 19.10 25.09 9.22
N GLY C 96 20.02 25.84 8.61
CA GLY C 96 21.42 25.46 8.58
C GLY C 96 21.87 24.51 7.46
N CYS C 97 20.97 24.11 6.59
CA CYS C 97 21.33 23.13 5.56
C CYS C 97 22.23 23.71 4.47
N ASP C 98 23.16 22.87 4.01
CA ASP C 98 24.04 23.19 2.91
C ASP C 98 23.45 22.73 1.61
N VAL C 99 22.71 21.61 1.66
CA VAL C 99 22.10 21.00 0.46
C VAL C 99 20.71 20.55 0.82
N VAL C 100 19.77 20.73 -0.09
CA VAL C 100 18.39 20.24 0.06
C VAL C 100 18.04 19.45 -1.21
N VAL C 101 17.59 18.21 -1.02
CA VAL C 101 17.15 17.35 -2.12
C VAL C 101 15.66 17.11 -1.99
N ILE C 102 14.94 17.22 -3.11
CA ILE C 102 13.48 17.24 -3.09
C ILE C 102 12.93 16.20 -4.05
N PRO C 103 12.90 14.94 -3.60
CA PRO C 103 12.11 13.92 -4.29
C PRO C 103 10.59 14.01 -4.01
N ALA C 104 10.15 14.81 -3.04
CA ALA C 104 8.72 14.93 -2.78
C ALA C 104 7.90 15.20 -4.04
N GLY C 105 6.89 14.35 -4.25
CA GLY C 105 6.04 14.41 -5.40
C GLY C 105 5.44 13.05 -5.71
N VAL C 106 4.45 13.09 -6.57
CA VAL C 106 3.78 11.89 -7.06
C VAL C 106 4.52 11.31 -8.24
N PRO C 107 4.68 9.97 -8.27
CA PRO C 107 5.26 9.29 -9.40
C PRO C 107 4.21 8.84 -10.46
N ARG C 108 4.70 8.44 -11.61
CA ARG C 108 3.88 7.98 -12.70
C ARG C 108 3.30 6.56 -12.50
N LYS C 109 2.12 6.38 -13.08
CA LYS C 109 1.55 5.06 -13.40
C LYS C 109 1.87 4.75 -14.87
N PRO C 110 1.88 3.47 -15.26
CA PRO C 110 2.01 3.15 -16.69
C PRO C 110 0.97 3.86 -17.59
N GLY C 111 1.47 4.40 -18.70
CA GLY C 111 0.66 5.17 -19.62
C GLY C 111 0.64 6.67 -19.36
N MET C 112 1.08 7.12 -18.19
CA MET C 112 1.26 8.53 -17.90
C MET C 112 2.54 9.07 -18.52
N THR C 113 2.51 10.34 -18.94
CA THR C 113 3.74 11.09 -19.24
C THR C 113 4.18 11.84 -17.99
N ARG C 114 5.43 12.28 -17.95
CA ARG C 114 5.87 13.09 -16.82
C ARG C 114 5.07 14.39 -16.68
N ASP C 115 4.66 14.94 -17.82
CA ASP C 115 3.90 16.16 -17.82
C ASP C 115 2.52 16.02 -17.14
N ASP C 116 1.98 14.80 -17.21
CA ASP C 116 0.72 14.45 -16.54
C ASP C 116 0.79 14.65 -15.03
N LEU C 117 2.02 14.70 -14.49
CA LEU C 117 2.24 14.93 -13.06
C LEU C 117 2.26 16.41 -12.67
N PHE C 118 2.21 17.29 -13.66
CA PHE C 118 2.55 18.69 -13.41
C PHE C 118 1.58 19.31 -12.41
N ASN C 119 0.29 19.18 -12.70
CA ASN C 119 -0.73 19.80 -11.88
C ASN C 119 -0.66 19.36 -10.42
N THR C 120 -0.20 18.16 -10.15
CA THR C 120 -0.11 17.72 -8.76
C THR C 120 1.21 18.14 -8.11
N ASN C 121 2.30 17.98 -8.82
CA ASN C 121 3.61 18.26 -8.25
C ASN C 121 4.01 19.72 -8.25
N ALA C 122 3.39 20.53 -9.11
CA ALA C 122 3.66 21.98 -9.14
C ALA C 122 3.48 22.61 -7.76
N THR C 123 2.36 22.31 -7.09
CA THR C 123 2.09 22.92 -5.79
C THR C 123 3.03 22.39 -4.72
N ILE C 124 3.34 21.09 -4.77
CA ILE C 124 4.24 20.49 -3.82
C ILE C 124 5.61 21.18 -3.97
N VAL C 125 6.11 21.28 -5.19
CA VAL C 125 7.43 21.91 -5.41
C VAL C 125 7.41 23.40 -5.01
N ALA C 126 6.34 24.10 -5.34
CA ALA C 126 6.28 25.53 -5.06
C ALA C 126 6.32 25.78 -3.55
N THR C 127 5.62 24.95 -2.80
CA THR C 127 5.50 25.13 -1.37
C THR C 127 6.81 24.75 -0.67
N LEU C 128 7.41 23.65 -1.10
CA LEU C 128 8.65 23.23 -0.49
C LEU C 128 9.78 24.18 -0.81
N THR C 129 9.86 24.62 -2.06
CA THR C 129 10.95 25.54 -2.42
C THR C 129 10.79 26.94 -1.83
N ALA C 130 9.54 27.37 -1.58
CA ALA C 130 9.27 28.59 -0.82
C ALA C 130 9.87 28.48 0.59
N ALA C 131 9.69 27.32 1.20
CA ALA C 131 10.24 27.06 2.53
C ALA C 131 11.78 27.11 2.51
N CYS C 132 12.39 26.52 1.48
CA CYS C 132 13.85 26.59 1.33
C CYS C 132 14.34 28.04 1.15
N ALA C 133 13.64 28.83 0.32
CA ALA C 133 13.99 30.26 0.14
C ALA C 133 13.98 31.07 1.43
N GLN C 134 13.02 30.76 2.31
CA GLN C 134 12.88 31.42 3.59
C GLN C 134 13.90 30.98 4.62
N HIS C 135 14.20 29.69 4.66
CA HIS C 135 14.89 29.08 5.78
C HIS C 135 16.33 28.66 5.47
N CYS C 136 16.63 28.34 4.21
CA CYS C 136 18.00 28.07 3.86
C CYS C 136 18.30 28.59 2.45
N PRO C 137 18.16 29.90 2.22
CA PRO C 137 18.32 30.40 0.86
C PRO C 137 19.69 30.18 0.24
N GLU C 138 20.73 29.96 1.04
CA GLU C 138 22.05 29.77 0.46
C GLU C 138 22.38 28.32 0.16
N ALA C 139 21.46 27.39 0.46
CA ALA C 139 21.62 25.96 0.17
C ALA C 139 21.61 25.67 -1.34
N MET C 140 22.32 24.62 -1.73
CA MET C 140 22.13 23.99 -3.04
C MET C 140 20.77 23.27 -3.04
N ILE C 141 19.90 23.63 -3.98
CA ILE C 141 18.58 23.05 -4.09
C ILE C 141 18.53 22.06 -5.27
N CYS C 142 18.28 20.78 -4.95
CA CYS C 142 18.33 19.69 -5.90
C CYS C 142 16.94 19.11 -6.06
N VAL C 143 16.31 19.42 -7.19
CA VAL C 143 14.93 19.03 -7.44
C VAL C 143 14.86 17.75 -8.27
N ILE C 144 14.26 16.72 -7.68
CA ILE C 144 14.09 15.43 -8.32
C ILE C 144 12.67 15.29 -8.83
N ALA C 145 11.73 15.87 -8.10
CA ALA C 145 10.31 15.79 -8.43
C ALA C 145 10.00 16.11 -9.92
N ASN C 146 9.20 15.26 -10.56
CA ASN C 146 8.80 15.45 -11.96
C ASN C 146 7.54 16.31 -12.10
N PRO C 147 7.38 16.95 -13.25
CA PRO C 147 8.30 16.95 -14.39
C PRO C 147 9.43 17.97 -14.24
N VAL C 148 10.67 17.47 -14.19
CA VAL C 148 11.86 18.31 -13.96
C VAL C 148 11.91 19.51 -14.90
N ASN C 149 11.52 19.27 -16.16
CA ASN C 149 11.56 20.31 -17.17
C ASN C 149 10.66 21.52 -16.82
N SER C 150 9.68 21.34 -15.94
CA SER C 150 8.83 22.46 -15.46
C SER C 150 9.04 22.81 -13.98
N THR C 151 9.44 21.82 -13.20
CA THR C 151 9.61 22.03 -11.75
C THR C 151 10.88 22.87 -11.40
N ILE C 152 11.88 22.88 -12.26
CA ILE C 152 13.02 23.79 -12.05
C ILE C 152 12.67 25.27 -12.29
N PRO C 153 11.98 25.56 -13.42
CA PRO C 153 11.39 26.88 -13.59
C PRO C 153 10.55 27.33 -12.44
N ILE C 154 9.71 26.43 -11.89
CA ILE C 154 8.94 26.76 -10.71
C ILE C 154 9.84 27.24 -9.56
N THR C 155 10.86 26.45 -9.29
CA THR C 155 11.78 26.70 -8.19
C THR C 155 12.42 28.06 -8.36
N ALA C 156 12.89 28.33 -9.57
CA ALA C 156 13.56 29.59 -9.90
C ALA C 156 12.67 30.79 -9.60
N GLU C 157 11.44 30.70 -10.08
CA GLU C 157 10.52 31.79 -9.93
C GLU C 157 10.10 31.98 -8.46
N VAL C 158 10.04 30.89 -7.72
CA VAL C 158 9.73 30.98 -6.30
C VAL C 158 10.87 31.69 -5.56
N PHE C 159 12.11 31.28 -5.83
CA PHE C 159 13.28 32.00 -5.28
C PHE C 159 13.32 33.47 -5.67
N LYS C 160 12.99 33.79 -6.91
CA LYS C 160 12.94 35.19 -7.36
C LYS C 160 11.90 35.97 -6.57
N LYS C 161 10.73 35.36 -6.36
CA LYS C 161 9.69 36.00 -5.56
C LYS C 161 10.19 36.38 -4.17
N HIS C 162 11.07 35.55 -3.60
CA HIS C 162 11.61 35.81 -2.26
C HIS C 162 12.89 36.67 -2.26
N GLY C 163 13.35 37.09 -3.45
CA GLY C 163 14.53 37.95 -3.58
C GLY C 163 15.83 37.26 -3.29
N VAL C 164 15.88 35.95 -3.51
CA VAL C 164 17.05 35.15 -3.12
C VAL C 164 17.57 34.20 -4.21
N TYR C 165 17.22 34.50 -5.46
CA TYR C 165 17.49 33.56 -6.56
C TYR C 165 18.97 33.60 -6.89
N ASN C 166 19.62 32.46 -6.73
CA ASN C 166 20.99 32.27 -7.19
C ASN C 166 21.00 31.13 -8.23
N PRO C 167 21.06 31.48 -9.53
CA PRO C 167 20.96 30.42 -10.52
C PRO C 167 22.15 29.44 -10.49
N ASN C 168 23.23 29.83 -9.78
CA ASN C 168 24.35 28.88 -9.57
C ASN C 168 24.12 27.77 -8.52
N LYS C 169 22.97 27.79 -7.84
CA LYS C 169 22.69 26.83 -6.76
C LYS C 169 21.39 26.06 -6.88
N ILE C 170 20.75 26.13 -8.04
CA ILE C 170 19.47 25.42 -8.26
C ILE C 170 19.68 24.40 -9.41
N PHE C 171 19.41 23.14 -9.11
CA PHE C 171 19.73 22.02 -9.96
C PHE C 171 18.54 21.08 -10.19
N GLY C 172 18.18 20.88 -11.45
CA GLY C 172 17.28 19.82 -11.83
C GLY C 172 18.07 18.52 -12.00
N VAL C 173 17.82 17.54 -11.14
CA VAL C 173 18.66 16.34 -11.09
C VAL C 173 18.31 15.44 -12.28
N THR C 174 19.22 15.43 -13.25
CA THR C 174 19.15 14.56 -14.42
C THR C 174 20.15 13.41 -14.37
N THR C 175 20.88 13.27 -13.23
CA THR C 175 21.99 12.31 -13.15
C THR C 175 21.57 10.88 -13.54
N LEU C 176 20.32 10.51 -13.25
CA LEU C 176 19.86 9.16 -13.64
C LEU C 176 19.95 8.89 -15.16
N ASP C 177 19.76 9.91 -15.97
CA ASP C 177 19.92 9.75 -17.41
C ASP C 177 21.36 9.42 -17.78
N ILE C 178 22.32 10.04 -17.08
CA ILE C 178 23.74 9.84 -17.32
C ILE C 178 24.15 8.46 -16.83
N VAL C 179 23.60 8.07 -15.66
CA VAL C 179 23.90 6.77 -15.07
C VAL C 179 23.39 5.67 -16.02
N ARG C 180 22.15 5.83 -16.49
CA ARG C 180 21.61 4.92 -17.51
C ARG C 180 22.50 4.82 -18.76
N ALA C 181 22.86 5.97 -19.29
CA ALA C 181 23.68 6.02 -20.51
C ALA C 181 25.00 5.24 -20.32
N ASN C 182 25.67 5.50 -19.21
CA ASN C 182 26.94 4.83 -18.89
C ASN C 182 26.74 3.31 -18.82
N THR C 183 25.72 2.85 -18.09
CA THR C 183 25.44 1.44 -17.94
C THR C 183 25.17 0.75 -19.30
N PHE C 184 24.35 1.39 -20.13
CA PHE C 184 23.96 0.84 -21.44
C PHE C 184 25.12 0.81 -22.44
N VAL C 185 25.87 1.91 -22.54
CA VAL C 185 27.11 1.90 -23.33
C VAL C 185 28.08 0.82 -22.89
N ALA C 186 28.32 0.75 -21.60
CA ALA C 186 29.22 -0.24 -21.03
C ALA C 186 28.78 -1.66 -21.43
N GLU C 187 27.49 -1.95 -21.33
CA GLU C 187 26.99 -3.30 -21.63
C GLU C 187 27.26 -3.64 -23.08
N LEU C 188 26.97 -2.70 -23.96
CA LEU C 188 27.13 -2.92 -25.38
C LEU C 188 28.59 -3.12 -25.83
N LYS C 189 29.50 -2.42 -25.18
CA LYS C 189 30.91 -2.45 -25.58
C LYS C 189 31.80 -3.31 -24.71
N GLY C 190 31.25 -3.91 -23.66
CA GLY C 190 32.04 -4.80 -22.82
C GLY C 190 33.02 -4.05 -21.93
N LEU C 191 32.57 -2.92 -21.41
CA LEU C 191 33.40 -2.03 -20.60
C LEU C 191 32.94 -2.04 -19.15
N ASP C 192 33.83 -1.65 -18.25
CA ASP C 192 33.42 -1.45 -16.86
C ASP C 192 32.69 -0.12 -16.83
N PRO C 193 31.43 -0.14 -16.38
CA PRO C 193 30.66 1.10 -16.40
C PRO C 193 31.23 2.17 -15.48
N ALA C 194 32.04 1.78 -14.51
CA ALA C 194 32.70 2.76 -13.62
C ALA C 194 33.63 3.68 -14.39
N ARG C 195 34.03 3.25 -15.57
CA ARG C 195 34.98 3.97 -16.38
C ARG C 195 34.38 4.61 -17.67
N VAL C 196 33.06 4.69 -17.71
CA VAL C 196 32.37 5.23 -18.87
C VAL C 196 31.68 6.53 -18.42
N ASN C 197 31.83 7.60 -19.21
CA ASN C 197 31.15 8.85 -18.95
C ASN C 197 30.50 9.39 -20.23
N VAL C 198 29.18 9.36 -20.27
CA VAL C 198 28.39 9.93 -21.37
C VAL C 198 27.74 11.25 -20.93
N PRO C 199 28.12 12.36 -21.56
CA PRO C 199 27.36 13.56 -21.34
C PRO C 199 25.95 13.41 -21.87
N VAL C 200 24.95 13.83 -21.10
CA VAL C 200 23.55 13.84 -21.57
C VAL C 200 23.02 15.25 -21.38
N ILE C 201 22.47 15.81 -22.44
CA ILE C 201 22.05 17.21 -22.41
C ILE C 201 20.57 17.36 -22.72
N GLY C 202 20.08 18.58 -22.52
CA GLY C 202 18.72 18.92 -22.86
C GLY C 202 17.80 19.03 -21.68
N GLY C 203 16.86 18.11 -21.60
CA GLY C 203 15.94 17.99 -20.47
C GLY C 203 15.74 16.57 -20.00
N HIS C 204 14.71 16.39 -19.18
CA HIS C 204 14.39 15.09 -18.63
C HIS C 204 12.95 14.64 -18.98
N ALA C 205 12.70 14.34 -20.26
CA ALA C 205 11.42 13.80 -20.70
C ALA C 205 11.56 13.42 -22.18
N GLY C 206 11.45 12.13 -22.46
CA GLY C 206 11.36 11.62 -23.87
C GLY C 206 12.48 12.19 -24.71
N LYS C 207 12.11 12.84 -25.79
CA LYS C 207 13.10 13.26 -26.78
C LYS C 207 13.91 14.47 -26.33
N THR C 208 13.58 15.08 -25.18
CA THR C 208 14.45 16.12 -24.66
C THR C 208 15.67 15.53 -23.97
N ILE C 209 15.67 14.22 -23.73
CA ILE C 209 16.84 13.56 -23.19
C ILE C 209 17.79 13.26 -24.36
N ILE C 210 18.95 13.93 -24.37
CA ILE C 210 19.85 13.88 -25.52
C ILE C 210 21.24 13.38 -25.12
N PRO C 211 21.46 12.07 -25.28
CA PRO C 211 22.77 11.46 -24.95
C PRO C 211 23.82 11.78 -26.01
N LEU C 212 24.89 12.45 -25.59
CA LEU C 212 25.93 12.85 -26.53
C LEU C 212 26.94 11.72 -26.59
N ILE C 213 26.55 10.65 -27.29
CA ILE C 213 27.44 9.48 -27.46
C ILE C 213 28.76 9.87 -28.15
N SER C 214 28.72 10.88 -29.00
CA SER C 214 29.91 11.36 -29.69
C SER C 214 30.95 11.95 -28.72
N GLN C 215 30.52 12.33 -27.52
CA GLN C 215 31.42 12.89 -26.53
C GLN C 215 31.73 11.89 -25.43
N CYS C 216 31.29 10.65 -25.61
CA CYS C 216 31.56 9.63 -24.60
C CYS C 216 33.06 9.42 -24.38
N THR C 217 33.44 9.23 -23.12
CA THR C 217 34.76 8.75 -22.77
C THR C 217 34.60 7.39 -22.07
N PRO C 218 35.28 6.35 -22.59
CA PRO C 218 36.17 6.41 -23.76
C PRO C 218 35.39 6.58 -25.04
N LYS C 219 36.07 6.98 -26.10
CA LYS C 219 35.40 7.18 -27.36
C LYS C 219 34.91 5.83 -27.86
N VAL C 220 33.65 5.75 -28.22
CA VAL C 220 33.00 4.51 -28.65
C VAL C 220 32.38 4.72 -29.99
N ASP C 221 32.56 3.77 -30.89
CA ASP C 221 32.06 3.88 -32.23
C ASP C 221 30.97 2.82 -32.37
N PHE C 222 29.73 3.26 -32.62
CA PHE C 222 28.62 2.35 -32.79
C PHE C 222 28.14 2.48 -34.23
N PRO C 223 27.78 1.36 -34.87
CA PRO C 223 27.12 1.54 -36.16
C PRO C 223 25.76 2.20 -35.95
N GLN C 224 25.27 2.80 -37.01
CA GLN C 224 24.07 3.63 -36.93
C GLN C 224 22.89 2.93 -36.32
N ASP C 225 22.60 1.70 -36.71
CA ASP C 225 21.41 1.03 -36.12
C ASP C 225 21.49 0.82 -34.61
N GLN C 226 22.67 0.44 -34.13
CA GLN C 226 22.85 0.31 -32.70
C GLN C 226 22.80 1.66 -31.94
N LEU C 227 23.38 2.68 -32.56
CA LEU C 227 23.40 4.00 -31.99
C LEU C 227 21.99 4.57 -31.84
N THR C 228 21.14 4.39 -32.87
CA THR C 228 19.82 4.94 -32.84
C THR C 228 18.98 4.20 -31.77
N ALA C 229 19.15 2.89 -31.68
CA ALA C 229 18.48 2.07 -30.68
C ALA C 229 18.94 2.39 -29.26
N LEU C 230 20.23 2.51 -29.06
CA LEU C 230 20.77 2.96 -27.76
C LEU C 230 20.24 4.29 -27.30
N THR C 231 20.20 5.24 -28.23
CA THR C 231 19.70 6.58 -27.94
C THR C 231 18.24 6.48 -27.48
N GLY C 232 17.40 5.78 -28.26
CA GLY C 232 16.02 5.51 -27.85
C GLY C 232 15.91 4.88 -26.46
N ARG C 233 16.70 3.83 -26.22
CA ARG C 233 16.67 3.15 -24.94
C ARG C 233 16.95 4.07 -23.77
N ILE C 234 17.91 4.98 -23.93
CA ILE C 234 18.27 5.90 -22.87
C ILE C 234 17.06 6.83 -22.66
N GLN C 235 16.45 7.31 -23.73
CA GLN C 235 15.31 8.25 -23.65
C GLN C 235 14.09 7.61 -22.98
N GLU C 236 13.84 6.35 -23.30
CA GLU C 236 12.65 5.64 -22.84
C GLU C 236 12.84 4.87 -21.55
N ALA C 237 14.03 4.92 -20.99
CA ALA C 237 14.40 4.06 -19.85
C ALA C 237 13.43 4.18 -18.69
N GLY C 238 13.11 5.43 -18.35
CA GLY C 238 12.14 5.73 -17.28
C GLY C 238 10.79 5.11 -17.50
N THR C 239 10.29 5.21 -18.71
CA THR C 239 9.01 4.66 -19.08
C THR C 239 9.01 3.13 -19.04
N GLU C 240 10.15 2.55 -19.43
CA GLU C 240 10.35 1.10 -19.33
C GLU C 240 10.34 0.58 -17.87
N VAL C 241 10.93 1.34 -16.94
CA VAL C 241 10.88 0.95 -15.53
C VAL C 241 9.45 1.07 -14.94
N VAL C 242 8.78 2.16 -15.24
CA VAL C 242 7.36 2.27 -14.91
C VAL C 242 6.56 1.07 -15.42
N LYS C 243 6.75 0.71 -16.67
CA LYS C 243 6.03 -0.42 -17.22
C LYS C 243 6.37 -1.70 -16.45
N ALA C 244 7.67 -1.90 -16.15
CA ALA C 244 8.13 -3.11 -15.47
C ALA C 244 7.52 -3.19 -14.08
N LYS C 245 7.34 -2.06 -13.42
CA LYS C 245 6.78 -2.03 -12.06
C LYS C 245 5.25 -2.17 -11.99
N ALA C 246 4.60 -2.11 -13.15
CA ALA C 246 3.18 -2.50 -13.27
C ALA C 246 2.25 -1.80 -12.24
N GLY C 247 2.44 -0.50 -12.04
CA GLY C 247 1.61 0.27 -11.13
C GLY C 247 2.16 0.47 -9.73
N ALA C 248 3.28 -0.18 -9.43
CA ALA C 248 3.93 0.01 -8.13
C ALA C 248 4.98 1.10 -8.18
N GLY C 249 4.79 2.13 -8.99
CA GLY C 249 5.69 3.24 -8.97
C GLY C 249 6.71 3.26 -10.10
N SER C 250 7.75 4.07 -9.87
CA SER C 250 8.79 4.33 -10.88
C SER C 250 10.17 4.05 -10.28
N ALA C 251 11.22 4.47 -10.99
CA ALA C 251 12.58 4.21 -10.54
C ALA C 251 12.84 4.81 -9.16
N THR C 252 13.29 3.97 -8.23
CA THR C 252 13.54 4.40 -6.86
C THR C 252 14.99 4.17 -6.42
N LEU C 253 15.45 2.93 -6.55
CA LEU C 253 16.76 2.50 -6.08
C LEU C 253 17.86 3.12 -6.94
N SER C 254 17.69 3.08 -8.24
CA SER C 254 18.64 3.72 -9.16
C SER C 254 18.59 5.25 -9.01
N MET C 255 17.42 5.85 -8.76
CA MET C 255 17.31 7.29 -8.50
C MET C 255 17.99 7.62 -7.20
N ALA C 256 17.84 6.80 -6.19
CA ALA C 256 18.62 6.99 -4.93
C ALA C 256 20.13 7.03 -5.20
N TYR C 257 20.62 6.05 -5.97
CA TYR C 257 22.01 6.01 -6.36
C TYR C 257 22.37 7.31 -7.08
N ALA C 258 21.58 7.67 -8.09
CA ALA C 258 21.91 8.84 -8.95
C ALA C 258 21.87 10.15 -8.12
N GLY C 259 20.88 10.28 -7.24
CA GLY C 259 20.76 11.46 -6.39
C GLY C 259 21.89 11.60 -5.42
N ALA C 260 22.30 10.50 -4.80
CA ALA C 260 23.39 10.49 -3.89
C ALA C 260 24.68 10.90 -4.62
N ARG C 261 24.92 10.30 -5.79
CA ARG C 261 26.07 10.68 -6.61
C ARG C 261 26.15 12.21 -6.80
N PHE C 262 25.03 12.78 -7.18
CA PHE C 262 24.97 14.23 -7.48
C PHE C 262 25.31 15.03 -6.22
N VAL C 263 24.68 14.69 -5.10
CA VAL C 263 24.90 15.35 -3.81
C VAL C 263 26.36 15.25 -3.42
N PHE C 264 26.97 14.08 -3.63
CA PHE C 264 28.38 13.91 -3.25
C PHE C 264 29.30 14.72 -4.13
N SER C 265 29.02 14.78 -5.44
CA SER C 265 29.73 15.67 -6.33
C SER C 265 29.64 17.14 -5.85
N LEU C 266 28.42 17.62 -5.56
CA LEU C 266 28.25 18.94 -4.99
C LEU C 266 29.08 19.20 -3.73
N VAL C 267 29.02 18.25 -2.80
CA VAL C 267 29.73 18.38 -1.55
C VAL C 267 31.25 18.38 -1.76
N ASP C 268 31.74 17.48 -2.63
CA ASP C 268 33.17 17.44 -2.88
C ASP C 268 33.62 18.81 -3.43
N ALA C 269 32.82 19.37 -4.36
CA ALA C 269 33.14 20.65 -4.97
C ALA C 269 33.12 21.80 -3.92
N MET C 270 32.13 21.75 -3.05
CA MET C 270 32.00 22.70 -1.93
C MET C 270 33.21 22.61 -1.00
N ASN C 271 33.77 21.40 -0.88
CA ASN C 271 34.93 21.16 -0.02
C ASN C 271 36.25 21.53 -0.71
N GLY C 272 36.19 21.99 -1.97
CA GLY C 272 37.37 22.47 -2.67
C GLY C 272 37.90 21.49 -3.71
N LYS C 273 37.26 20.34 -3.90
CA LYS C 273 37.78 19.39 -4.88
C LYS C 273 37.69 19.99 -6.30
N GLU C 274 38.76 19.81 -7.06
CA GLU C 274 38.85 20.36 -8.43
C GLU C 274 38.37 19.36 -9.48
N GLY C 275 37.89 19.87 -10.61
CA GLY C 275 37.57 19.04 -11.77
C GLY C 275 36.28 18.25 -11.63
N VAL C 276 35.40 18.66 -10.72
CA VAL C 276 34.11 17.97 -10.54
C VAL C 276 33.08 18.46 -11.55
N VAL C 277 32.66 17.57 -12.43
CA VAL C 277 31.76 17.91 -13.50
C VAL C 277 30.52 17.03 -13.41
N GLU C 278 29.33 17.63 -13.50
CA GLU C 278 28.06 16.93 -13.58
C GLU C 278 27.11 17.64 -14.53
N CYS C 279 26.39 16.87 -15.34
CA CYS C 279 25.26 17.45 -16.10
C CYS C 279 24.09 17.72 -15.13
N SER C 280 23.39 18.84 -15.32
CA SER C 280 22.16 19.12 -14.61
C SER C 280 21.33 20.15 -15.36
N PHE C 281 20.01 20.06 -15.19
CA PHE C 281 19.05 20.98 -15.80
C PHE C 281 19.02 22.29 -15.02
N VAL C 282 19.61 23.34 -15.58
CA VAL C 282 19.84 24.58 -14.82
C VAL C 282 19.49 25.80 -15.67
N LYS C 283 19.51 26.97 -15.03
CA LYS C 283 19.45 28.22 -15.77
C LYS C 283 20.56 28.26 -16.81
N SER C 284 20.23 28.62 -18.05
CA SER C 284 21.12 28.39 -19.15
C SER C 284 20.90 29.41 -20.28
N GLN C 285 21.97 29.75 -20.96
CA GLN C 285 21.88 30.44 -22.25
C GLN C 285 22.67 29.77 -23.35
N GLU C 286 22.87 28.48 -23.20
CA GLU C 286 23.51 27.66 -24.22
C GLU C 286 22.64 27.58 -25.50
N THR C 287 21.32 27.65 -25.33
CA THR C 287 20.37 27.64 -26.43
C THR C 287 19.37 28.75 -26.12
N GLU C 288 18.35 28.89 -26.97
CA GLU C 288 17.27 29.85 -26.66
C GLU C 288 16.42 29.43 -25.46
N CYS C 289 16.52 28.19 -25.02
CA CYS C 289 15.85 27.76 -23.81
C CYS C 289 16.46 28.42 -22.58
N THR C 290 15.63 28.96 -21.69
CA THR C 290 16.13 29.65 -20.51
C THR C 290 16.61 28.68 -19.43
N TYR C 291 16.22 27.39 -19.51
CA TYR C 291 16.74 26.29 -18.70
C TYR C 291 17.08 25.11 -19.64
N PHE C 292 18.16 24.40 -19.32
CA PHE C 292 18.75 23.40 -20.22
C PHE C 292 19.84 22.65 -19.41
N SER C 293 20.03 21.38 -19.71
CA SER C 293 21.06 20.57 -19.09
C SER C 293 22.27 20.46 -19.99
N THR C 294 23.42 20.76 -19.41
CA THR C 294 24.74 20.54 -19.98
C THR C 294 25.68 20.16 -18.85
N PRO C 295 26.90 19.69 -19.19
CA PRO C 295 27.92 19.46 -18.16
C PRO C 295 28.35 20.77 -17.50
N LEU C 296 28.43 20.72 -16.19
CA LEU C 296 28.75 21.85 -15.37
C LEU C 296 29.96 21.49 -14.53
N LEU C 297 30.93 22.37 -14.53
CA LEU C 297 32.02 22.32 -13.56
C LEU C 297 31.49 22.91 -12.27
N LEU C 298 31.58 22.13 -11.22
CA LEU C 298 31.12 22.53 -9.91
C LEU C 298 32.27 23.11 -9.08
N GLY C 299 31.91 24.00 -8.18
CA GLY C 299 32.85 24.62 -7.31
C GLY C 299 32.30 24.95 -5.95
N LYS C 300 33.05 25.78 -5.24
CA LYS C 300 32.72 26.04 -3.85
C LYS C 300 31.43 26.81 -3.69
N LYS C 301 30.95 27.45 -4.77
CA LYS C 301 29.73 28.26 -4.68
C LYS C 301 28.62 27.67 -5.58
N GLY C 302 28.75 26.39 -5.94
CA GLY C 302 27.78 25.71 -6.80
C GLY C 302 28.33 25.64 -8.20
N ILE C 303 27.57 26.08 -9.19
CA ILE C 303 28.09 26.06 -10.57
C ILE C 303 29.32 27.04 -10.71
N GLU C 304 30.47 26.47 -11.09
CA GLU C 304 31.68 27.26 -11.33
C GLU C 304 31.75 27.73 -12.79
N LYS C 305 31.38 26.85 -13.71
CA LYS C 305 31.34 27.18 -15.14
C LYS C 305 30.42 26.20 -15.85
N ASN C 306 29.55 26.72 -16.69
CA ASN C 306 28.74 25.88 -17.54
C ASN C 306 29.63 25.51 -18.73
N LEU C 307 29.92 24.24 -18.89
CA LEU C 307 30.80 23.80 -19.99
C LEU C 307 30.14 23.74 -21.38
N GLY C 308 28.85 23.99 -21.46
CA GLY C 308 28.16 24.12 -22.75
C GLY C 308 27.86 22.82 -23.47
N ILE C 309 27.35 22.96 -24.69
CA ILE C 309 27.00 21.81 -25.48
C ILE C 309 28.25 21.10 -26.03
N GLY C 310 29.27 21.88 -26.39
CA GLY C 310 30.49 21.36 -27.05
C GLY C 310 30.27 20.98 -28.52
N LYS C 311 31.17 20.19 -29.06
CA LYS C 311 31.13 19.79 -30.47
C LYS C 311 30.18 18.59 -30.54
N VAL C 312 29.18 18.61 -31.43
CA VAL C 312 28.20 17.51 -31.50
C VAL C 312 28.05 17.03 -32.95
N SER C 313 27.48 15.86 -33.12
CA SER C 313 27.27 15.29 -34.47
C SER C 313 26.01 15.89 -35.07
N SER C 314 25.82 15.66 -36.36
CA SER C 314 24.61 16.08 -37.04
C SER C 314 23.39 15.38 -36.43
N PHE C 315 23.53 14.09 -36.14
CA PHE C 315 22.51 13.31 -35.43
C PHE C 315 22.13 14.00 -34.11
N GLU C 316 23.13 14.34 -33.34
CA GLU C 316 22.89 15.04 -32.07
C GLU C 316 22.26 16.45 -32.29
N GLU C 317 22.73 17.19 -33.30
CA GLU C 317 22.19 18.53 -33.53
C GLU C 317 20.66 18.48 -33.83
N LYS C 318 20.24 17.46 -34.58
CA LYS C 318 18.81 17.26 -34.88
C LYS C 318 17.98 17.02 -33.60
N MET C 319 18.52 16.26 -32.67
CA MET C 319 17.86 16.10 -31.36
C MET C 319 17.72 17.40 -30.60
N ILE C 320 18.78 18.21 -30.61
CA ILE C 320 18.74 19.54 -29.93
C ILE C 320 17.65 20.42 -30.56
N SER C 321 17.65 20.53 -31.89
CA SER C 321 16.63 21.28 -32.62
C SER C 321 15.21 20.83 -32.26
N ASP C 322 14.96 19.53 -32.24
CA ASP C 322 13.60 19.07 -32.01
C ASP C 322 13.19 19.09 -30.53
N ALA C 323 14.16 19.20 -29.64
CA ALA C 323 13.88 19.28 -28.19
C ALA C 323 13.50 20.71 -27.74
N ILE C 324 14.09 21.70 -28.40
CA ILE C 324 13.94 23.10 -28.05
C ILE C 324 12.47 23.54 -27.88
N PRO C 325 11.60 23.29 -28.88
CA PRO C 325 10.17 23.67 -28.68
C PRO C 325 9.48 23.02 -27.47
N GLU C 326 9.70 21.72 -27.27
CA GLU C 326 9.11 21.03 -26.13
CA GLU C 326 9.14 21.01 -26.13
C GLU C 326 9.65 21.63 -24.83
N LEU C 327 10.96 21.85 -24.74
CA LEU C 327 11.59 22.45 -23.56
C LEU C 327 11.02 23.85 -23.29
N LYS C 328 10.94 24.68 -24.32
CA LYS C 328 10.31 26.00 -24.18
C LYS C 328 8.89 25.96 -23.59
N ALA C 329 8.08 25.05 -24.12
CA ALA C 329 6.71 24.83 -23.63
C ALA C 329 6.66 24.40 -22.18
N SER C 330 7.51 23.47 -21.75
CA SER C 330 7.54 23.02 -20.36
C SER C 330 8.00 24.14 -19.41
N ILE C 331 9.02 24.88 -19.85
CA ILE C 331 9.53 26.03 -19.12
C ILE C 331 8.40 27.08 -18.90
N LYS C 332 7.71 27.42 -19.97
CA LYS C 332 6.60 28.42 -19.90
C LYS C 332 5.51 27.96 -18.93
N LYS C 333 5.21 26.66 -19.01
CA LYS C 333 4.20 26.04 -18.13
C LYS C 333 4.54 26.28 -16.63
N GLY C 334 5.79 26.03 -16.28
CA GLY C 334 6.28 26.23 -14.90
C GLY C 334 6.21 27.70 -14.47
N GLU C 335 6.70 28.58 -15.33
CA GLU C 335 6.69 30.02 -15.10
C GLU C 335 5.29 30.54 -14.94
N ASP C 336 4.43 30.17 -15.89
CA ASP C 336 3.03 30.62 -15.86
C ASP C 336 2.35 30.18 -14.55
N PHE C 337 2.70 28.99 -14.04
CA PHE C 337 2.07 28.46 -12.84
C PHE C 337 2.38 29.37 -11.67
N VAL C 338 3.63 29.80 -11.55
CA VAL C 338 4.01 30.66 -10.45
C VAL C 338 3.39 32.06 -10.60
N LYS C 339 3.20 32.52 -11.85
CA LYS C 339 2.40 33.75 -12.10
C LYS C 339 0.98 33.68 -11.51
N THR C 340 0.35 32.50 -11.50
CA THR C 340 -0.98 32.35 -10.85
C THR C 340 -0.98 32.41 -9.30
N LEU C 341 0.16 32.15 -8.67
CA LEU C 341 0.21 32.08 -7.20
C LEU C 341 0.33 33.48 -6.58
N ASN D 28 33.97 -11.08 -8.97
CA ASN D 28 33.91 -11.43 -7.55
C ASN D 28 32.60 -12.32 -7.27
N ALA D 29 31.86 -12.00 -6.19
CA ALA D 29 30.88 -12.95 -5.60
C ALA D 29 29.50 -12.89 -6.25
N LYS D 30 28.85 -14.07 -6.34
CA LYS D 30 27.48 -14.18 -6.81
C LYS D 30 26.56 -14.28 -5.57
N VAL D 31 25.73 -13.27 -5.42
CA VAL D 31 24.85 -13.15 -4.31
C VAL D 31 23.39 -13.19 -4.81
N ALA D 32 22.59 -13.97 -4.10
CA ALA D 32 21.13 -14.01 -4.26
C ALA D 32 20.46 -13.35 -3.06
N VAL D 33 19.40 -12.58 -3.31
CA VAL D 33 18.55 -12.08 -2.24
C VAL D 33 17.15 -12.68 -2.42
N LEU D 34 16.69 -13.43 -1.40
CA LEU D 34 15.38 -14.04 -1.38
C LEU D 34 14.48 -13.23 -0.47
N GLY D 35 13.37 -12.71 -1.05
CA GLY D 35 12.53 -11.64 -0.46
C GLY D 35 13.05 -10.26 -0.88
N ALA D 36 13.55 -10.17 -2.09
CA ALA D 36 14.20 -8.94 -2.60
C ALA D 36 13.29 -7.73 -2.79
N SER D 37 11.98 -7.97 -2.92
CA SER D 37 11.05 -6.87 -3.15
C SER D 37 10.58 -6.19 -1.87
N GLY D 38 11.07 -6.66 -0.72
CA GLY D 38 10.48 -6.19 0.52
C GLY D 38 11.15 -4.94 1.07
N GLY D 39 10.75 -4.58 2.28
CA GLY D 39 11.31 -3.41 2.93
C GLY D 39 12.82 -3.47 3.16
N ILE D 40 13.33 -4.62 3.60
CA ILE D 40 14.79 -4.83 3.68
C ILE D 40 15.37 -5.16 2.32
N GLY D 41 14.71 -6.09 1.65
CA GLY D 41 15.13 -6.62 0.35
C GLY D 41 15.60 -5.57 -0.64
N GLN D 42 14.80 -4.53 -0.85
CA GLN D 42 15.14 -3.49 -1.83
C GLN D 42 16.40 -2.66 -1.52
N PRO D 43 16.45 -2.01 -0.35
CA PRO D 43 17.69 -1.28 -0.01
C PRO D 43 18.93 -2.18 0.15
N LEU D 44 18.73 -3.39 0.62
CA LEU D 44 19.80 -4.37 0.74
C LEU D 44 20.36 -4.65 -0.64
N SER D 45 19.45 -4.91 -1.57
CA SER D 45 19.85 -5.22 -2.94
C SER D 45 20.56 -4.00 -3.58
N LEU D 46 20.12 -2.78 -3.28
CA LEU D 46 20.83 -1.57 -3.69
C LEU D 46 22.28 -1.56 -3.17
N LEU D 47 22.44 -1.81 -1.89
CA LEU D 47 23.78 -1.76 -1.31
C LEU D 47 24.67 -2.80 -1.96
N LEU D 48 24.12 -3.97 -2.23
CA LEU D 48 24.85 -5.04 -2.89
C LEU D 48 25.25 -4.64 -4.33
N LYS D 49 24.29 -4.13 -5.09
CA LYS D 49 24.54 -3.66 -6.44
C LYS D 49 25.62 -2.58 -6.48
N ASN D 50 25.64 -1.71 -5.49
CA ASN D 50 26.66 -0.67 -5.42
C ASN D 50 28.09 -1.15 -5.19
N SER D 51 28.26 -2.39 -4.72
CA SER D 51 29.56 -2.89 -4.25
C SER D 51 30.39 -3.57 -5.36
N PRO D 52 31.70 -3.24 -5.44
CA PRO D 52 32.60 -3.93 -6.35
C PRO D 52 32.84 -5.36 -5.94
N LEU D 53 32.39 -5.73 -4.76
CA LEU D 53 32.54 -7.12 -4.30
C LEU D 53 31.55 -8.06 -4.95
N VAL D 54 30.51 -7.53 -5.59
CA VAL D 54 29.45 -8.35 -6.13
C VAL D 54 29.56 -8.36 -7.66
N SER D 55 29.65 -9.55 -8.25
CA SER D 55 29.69 -9.71 -9.72
C SER D 55 28.34 -10.06 -10.33
N ARG D 56 27.46 -10.68 -9.54
CA ARG D 56 26.13 -11.07 -10.02
C ARG D 56 25.21 -11.00 -8.84
N LEU D 57 24.08 -10.34 -9.06
CA LEU D 57 23.06 -10.15 -8.04
C LEU D 57 21.78 -10.75 -8.55
N THR D 58 21.35 -11.86 -7.98
CA THR D 58 20.11 -12.45 -8.43
C THR D 58 19.07 -12.17 -7.36
N LEU D 59 17.89 -11.75 -7.80
CA LEU D 59 16.82 -11.33 -6.91
C LEU D 59 15.59 -12.20 -7.04
N TYR D 60 15.02 -12.58 -5.90
CA TYR D 60 13.87 -13.44 -5.87
C TYR D 60 12.81 -12.92 -4.92
N ASP D 61 11.58 -13.00 -5.40
CA ASP D 61 10.42 -12.76 -4.53
C ASP D 61 9.18 -13.44 -5.11
N ILE D 62 8.08 -13.43 -4.35
CA ILE D 62 6.78 -13.93 -4.84
C ILE D 62 5.97 -12.80 -5.47
N ALA D 63 6.49 -11.57 -5.39
CA ALA D 63 5.85 -10.42 -6.02
C ALA D 63 6.87 -9.31 -6.36
N HIS D 64 6.58 -8.54 -7.42
CA HIS D 64 7.30 -7.31 -7.77
C HIS D 64 8.77 -7.42 -8.21
N THR D 65 9.36 -8.61 -8.18
CA THR D 65 10.78 -8.71 -8.47
C THR D 65 11.20 -8.14 -9.82
N PRO D 66 10.41 -8.39 -10.87
CA PRO D 66 10.88 -7.84 -12.16
C PRO D 66 11.09 -6.33 -12.23
N GLY D 67 10.23 -5.55 -11.58
CA GLY D 67 10.39 -4.10 -11.54
C GLY D 67 11.57 -3.67 -10.72
N VAL D 68 11.80 -4.38 -9.62
CA VAL D 68 12.96 -4.12 -8.76
C VAL D 68 14.29 -4.31 -9.53
N ALA D 69 14.39 -5.44 -10.22
CA ALA D 69 15.57 -5.76 -11.02
C ALA D 69 15.80 -4.78 -12.17
N ALA D 70 14.72 -4.38 -12.84
CA ALA D 70 14.82 -3.41 -13.92
C ALA D 70 15.45 -2.13 -13.41
N ASP D 71 14.90 -1.64 -12.32
CA ASP D 71 15.37 -0.43 -11.64
C ASP D 71 16.87 -0.57 -11.30
N LEU D 72 17.21 -1.60 -10.51
CA LEU D 72 18.61 -1.81 -10.10
C LEU D 72 19.59 -1.95 -11.26
N SER D 73 19.11 -2.59 -12.32
CA SER D 73 19.93 -2.87 -13.52
C SER D 73 20.47 -1.62 -14.22
N HIS D 74 19.95 -0.46 -13.91
CA HIS D 74 20.38 0.74 -14.55
C HIS D 74 21.60 1.35 -13.89
N ILE D 75 21.94 0.84 -12.70
CA ILE D 75 23.03 1.44 -11.93
C ILE D 75 24.40 1.08 -12.55
N GLU D 76 25.28 2.09 -12.62
CA GLU D 76 26.52 2.08 -13.35
C GLU D 76 27.68 1.30 -12.65
N THR D 77 27.35 0.10 -12.16
CA THR D 77 28.35 -0.76 -11.58
C THR D 77 28.36 -2.09 -12.30
N LYS D 78 29.40 -2.90 -12.06
CA LYS D 78 29.55 -4.09 -12.82
C LYS D 78 28.53 -5.24 -12.51
N ALA D 79 27.97 -5.31 -11.30
CA ALA D 79 27.12 -6.48 -10.98
C ALA D 79 25.95 -6.66 -11.99
N ALA D 80 25.86 -7.82 -12.63
CA ALA D 80 24.72 -8.20 -13.47
C ALA D 80 23.54 -8.49 -12.58
N VAL D 81 22.42 -7.79 -12.79
CA VAL D 81 21.21 -7.95 -11.98
C VAL D 81 20.15 -8.77 -12.73
N LYS D 82 19.59 -9.77 -12.07
CA LYS D 82 18.55 -10.60 -12.69
C LYS D 82 17.45 -10.82 -11.67
N GLY D 83 16.19 -10.66 -12.10
CA GLY D 83 15.04 -10.82 -11.23
C GLY D 83 14.32 -12.13 -11.55
N TYR D 84 13.81 -12.75 -10.48
CA TYR D 84 13.09 -14.02 -10.55
C TYR D 84 11.81 -13.93 -9.74
N LEU D 85 10.75 -14.57 -10.20
CA LEU D 85 9.42 -14.40 -9.59
C LEU D 85 8.73 -15.74 -9.57
N GLY D 86 8.35 -16.20 -8.38
CA GLY D 86 7.59 -17.42 -8.25
C GLY D 86 8.41 -18.68 -8.17
N PRO D 87 7.89 -19.70 -7.43
CA PRO D 87 8.69 -20.87 -7.15
C PRO D 87 9.29 -21.58 -8.34
N GLU D 88 8.66 -21.54 -9.51
CA GLU D 88 9.27 -22.20 -10.65
C GLU D 88 10.57 -21.50 -11.07
N GLN D 89 10.70 -20.22 -10.70
CA GLN D 89 11.91 -19.45 -11.03
C GLN D 89 12.99 -19.45 -9.93
N LEU D 90 12.65 -19.96 -8.76
CA LEU D 90 13.59 -19.97 -7.62
C LEU D 90 14.92 -20.72 -7.94
N PRO D 91 14.85 -21.92 -8.56
CA PRO D 91 16.10 -22.63 -8.84
C PRO D 91 17.09 -21.81 -9.67
N ASP D 92 16.61 -21.15 -10.71
CA ASP D 92 17.49 -20.34 -11.56
C ASP D 92 18.10 -19.14 -10.84
N CYS D 93 17.39 -18.58 -9.85
CA CYS D 93 17.95 -17.55 -9.01
C CYS D 93 19.13 -18.07 -8.15
N LEU D 94 19.07 -19.33 -7.76
CA LEU D 94 19.99 -19.92 -6.77
C LEU D 94 21.24 -20.54 -7.40
N LYS D 95 21.17 -20.91 -8.66
CA LYS D 95 22.20 -21.69 -9.29
C LYS D 95 23.50 -20.90 -9.37
N GLY D 96 24.54 -21.47 -8.79
CA GLY D 96 25.89 -20.91 -8.82
C GLY D 96 26.17 -19.82 -7.77
N CYS D 97 25.22 -19.54 -6.88
CA CYS D 97 25.44 -18.54 -5.86
C CYS D 97 26.50 -18.94 -4.81
N ASP D 98 27.30 -17.96 -4.42
CA ASP D 98 28.25 -18.05 -3.32
C ASP D 98 27.68 -17.71 -1.98
N VAL D 99 26.75 -16.77 -2.00
CA VAL D 99 26.11 -16.27 -0.82
C VAL D 99 24.62 -16.10 -1.12
N VAL D 100 23.77 -16.55 -0.20
CA VAL D 100 22.32 -16.29 -0.30
C VAL D 100 21.89 -15.55 0.95
N VAL D 101 21.22 -14.42 0.78
CA VAL D 101 20.68 -13.67 1.92
C VAL D 101 19.16 -13.74 1.90
N ILE D 102 18.55 -13.99 3.07
CA ILE D 102 17.12 -14.30 3.15
C ILE D 102 16.38 -13.35 4.09
N PRO D 103 16.07 -12.14 3.61
CA PRO D 103 15.13 -11.32 4.38
C PRO D 103 13.65 -11.74 4.24
N ALA D 104 13.34 -12.63 3.32
CA ALA D 104 11.97 -13.01 3.08
C ALA D 104 11.25 -13.40 4.35
N GLY D 105 10.14 -12.71 4.63
CA GLY D 105 9.33 -12.99 5.79
C GLY D 105 8.47 -11.79 6.18
N VAL D 106 7.52 -12.05 7.07
CA VAL D 106 6.63 -11.05 7.64
C VAL D 106 7.29 -10.32 8.82
N PRO D 107 7.17 -8.98 8.85
CA PRO D 107 7.64 -8.17 9.96
C PRO D 107 6.63 -7.89 11.06
N ARG D 108 7.14 -7.45 12.21
CA ARG D 108 6.36 -7.16 13.38
C ARG D 108 5.51 -5.89 13.22
N LYS D 109 4.30 -6.00 13.77
CA LYS D 109 3.44 -4.87 14.07
C LYS D 109 3.68 -4.47 15.51
N PRO D 110 3.38 -3.21 15.87
CA PRO D 110 3.50 -2.83 17.29
C PRO D 110 2.76 -3.78 18.27
N GLY D 111 3.44 -4.19 19.33
CA GLY D 111 2.85 -5.08 20.34
C GLY D 111 3.24 -6.54 20.17
N MET D 112 3.60 -6.94 18.96
CA MET D 112 4.04 -8.31 18.71
C MET D 112 5.42 -8.63 19.29
N THR D 113 5.63 -9.91 19.57
CA THR D 113 6.98 -10.45 19.81
C THR D 113 7.46 -11.00 18.46
N ARG D 114 8.76 -11.26 18.31
CA ARG D 114 9.25 -11.90 17.09
C ARG D 114 8.67 -13.33 16.94
N ASP D 115 8.35 -13.97 18.07
CA ASP D 115 7.70 -15.29 18.07
C ASP D 115 6.32 -15.30 17.44
N ASP D 116 5.61 -14.18 17.47
CA ASP D 116 4.33 -14.06 16.76
C ASP D 116 4.48 -14.29 15.26
N LEU D 117 5.69 -14.09 14.76
CA LEU D 117 5.99 -14.30 13.35
C LEU D 117 6.36 -15.76 13.00
N PHE D 118 6.37 -16.65 13.99
CA PHE D 118 6.95 -17.99 13.78
C PHE D 118 6.11 -18.80 12.82
N ASN D 119 4.80 -18.83 13.00
CA ASN D 119 3.97 -19.68 12.15
C ASN D 119 4.09 -19.30 10.66
N THR D 120 4.10 -18.01 10.34
CA THR D 120 4.17 -17.59 8.95
C THR D 120 5.60 -17.74 8.39
N ASN D 121 6.58 -17.33 9.16
CA ASN D 121 7.94 -17.36 8.69
C ASN D 121 8.66 -18.73 8.71
N ALA D 122 8.25 -19.63 9.59
CA ALA D 122 8.86 -20.95 9.67
C ALA D 122 8.68 -21.61 8.31
N THR D 123 7.50 -21.47 7.74
CA THR D 123 7.17 -22.14 6.49
C THR D 123 7.97 -21.46 5.33
N ILE D 124 8.04 -20.14 5.33
CA ILE D 124 8.75 -19.42 4.27
C ILE D 124 10.25 -19.77 4.31
N VAL D 125 10.85 -19.78 5.52
CA VAL D 125 12.26 -20.11 5.65
C VAL D 125 12.48 -21.58 5.24
N ALA D 126 11.61 -22.47 5.64
CA ALA D 126 11.82 -23.89 5.34
C ALA D 126 11.81 -24.17 3.84
N THR D 127 10.89 -23.51 3.12
CA THR D 127 10.73 -23.64 1.66
C THR D 127 11.91 -23.07 0.89
N LEU D 128 12.35 -21.88 1.29
CA LEU D 128 13.45 -21.23 0.62
C LEU D 128 14.79 -21.93 0.88
N THR D 129 14.99 -22.38 2.13
CA THR D 129 16.23 -23.03 2.47
C THR D 129 16.28 -24.42 1.91
N ALA D 130 15.13 -25.07 1.72
CA ALA D 130 15.10 -26.33 0.99
C ALA D 130 15.60 -26.15 -0.47
N ALA D 131 15.12 -25.10 -1.12
CA ALA D 131 15.61 -24.73 -2.48
C ALA D 131 17.13 -24.50 -2.51
N CYS D 132 17.65 -23.77 -1.51
CA CYS D 132 19.07 -23.56 -1.37
C CYS D 132 19.80 -24.88 -1.23
N ALA D 133 19.30 -25.76 -0.36
CA ALA D 133 19.90 -27.06 -0.18
C ALA D 133 19.99 -27.84 -1.50
N GLN D 134 18.97 -27.71 -2.35
CA GLN D 134 18.92 -28.43 -3.62
C GLN D 134 19.77 -27.81 -4.71
N HIS D 135 19.86 -26.50 -4.72
CA HIS D 135 20.43 -25.79 -5.88
C HIS D 135 21.73 -25.02 -5.62
N CYS D 136 22.03 -24.66 -4.37
CA CYS D 136 23.31 -24.04 -4.04
C CYS D 136 23.77 -24.51 -2.64
N PRO D 137 23.97 -25.83 -2.50
CA PRO D 137 24.21 -26.40 -1.18
C PRO D 137 25.50 -25.93 -0.48
N GLU D 138 26.46 -25.45 -1.25
CA GLU D 138 27.73 -24.95 -0.70
C GLU D 138 27.79 -23.44 -0.49
N ALA D 139 26.69 -22.76 -0.83
CA ALA D 139 26.56 -21.34 -0.57
C ALA D 139 26.63 -21.02 0.93
N MET D 140 27.09 -19.82 1.22
CA MET D 140 26.87 -19.24 2.53
C MET D 140 25.41 -18.83 2.63
N ILE D 141 24.71 -19.30 3.67
CA ILE D 141 23.29 -18.97 3.82
C ILE D 141 23.08 -18.03 5.02
N CYS D 142 22.66 -16.80 4.69
CA CYS D 142 22.50 -15.72 5.66
C CYS D 142 21.04 -15.41 5.91
N VAL D 143 20.54 -15.82 7.08
CA VAL D 143 19.13 -15.70 7.38
C VAL D 143 18.85 -14.46 8.21
N ILE D 144 17.95 -13.63 7.70
CA ILE D 144 17.53 -12.37 8.33
C ILE D 144 16.15 -12.53 8.96
N ALA D 145 15.28 -13.29 8.28
CA ALA D 145 13.90 -13.54 8.72
C ALA D 145 13.79 -13.94 10.19
N ASN D 146 12.86 -13.29 10.88
CA ASN D 146 12.58 -13.56 12.28
C ASN D 146 11.54 -14.64 12.47
N PRO D 147 11.55 -15.26 13.66
CA PRO D 147 12.48 -15.11 14.78
C PRO D 147 13.74 -15.88 14.48
N VAL D 148 14.86 -15.15 14.36
CA VAL D 148 16.16 -15.75 14.01
C VAL D 148 16.55 -16.90 14.96
N ASN D 149 16.26 -16.74 16.25
CA ASN D 149 16.51 -17.79 17.27
C ASN D 149 15.91 -19.16 16.95
N SER D 150 14.86 -19.15 16.13
CA SER D 150 14.19 -20.36 15.63
C SER D 150 14.46 -20.66 14.16
N THR D 151 14.60 -19.63 13.34
CA THR D 151 14.69 -19.80 11.88
C THR D 151 16.06 -20.38 11.46
N ILE D 152 17.09 -20.13 12.25
CA ILE D 152 18.39 -20.80 12.01
C ILE D 152 18.32 -22.33 12.30
N PRO D 153 17.86 -22.74 13.49
CA PRO D 153 17.60 -24.18 13.69
C PRO D 153 16.78 -24.81 12.55
N ILE D 154 15.76 -24.09 12.08
CA ILE D 154 14.95 -24.57 10.94
C ILE D 154 15.86 -24.84 9.75
N THR D 155 16.66 -23.84 9.41
CA THR D 155 17.51 -23.90 8.24
C THR D 155 18.47 -25.08 8.36
N ALA D 156 19.09 -25.24 9.53
CA ALA D 156 20.04 -26.31 9.75
C ALA D 156 19.35 -27.66 9.57
N GLU D 157 18.16 -27.81 10.13
CA GLU D 157 17.43 -29.05 10.03
C GLU D 157 17.01 -29.41 8.60
N VAL D 158 16.63 -28.39 7.83
CA VAL D 158 16.28 -28.58 6.42
C VAL D 158 17.51 -29.03 5.63
N PHE D 159 18.66 -28.40 5.88
CA PHE D 159 19.90 -28.88 5.27
C PHE D 159 20.26 -30.34 5.63
N LYS D 160 20.07 -30.73 6.89
CA LYS D 160 20.31 -32.09 7.31
C LYS D 160 19.37 -33.03 6.57
N LYS D 161 18.10 -32.66 6.44
CA LYS D 161 17.13 -33.46 5.68
C LYS D 161 17.62 -33.74 4.25
N HIS D 162 18.32 -32.79 3.63
CA HIS D 162 18.84 -32.98 2.26
C HIS D 162 20.28 -33.53 2.16
N GLY D 163 20.87 -33.86 3.31
CA GLY D 163 22.22 -34.42 3.35
C GLY D 163 23.38 -33.44 3.12
N VAL D 164 23.14 -32.14 3.25
CA VAL D 164 24.14 -31.14 2.85
C VAL D 164 24.48 -30.10 3.94
N TYR D 165 24.20 -30.44 5.20
CA TYR D 165 24.41 -29.51 6.32
C TYR D 165 25.89 -29.30 6.62
N ASN D 166 26.32 -28.06 6.47
CA ASN D 166 27.63 -27.60 6.90
C ASN D 166 27.46 -26.48 7.93
N PRO D 167 27.74 -26.78 9.21
CA PRO D 167 27.50 -25.75 10.22
C PRO D 167 28.43 -24.53 10.11
N ASN D 168 29.45 -24.61 9.27
CA ASN D 168 30.32 -23.46 9.02
C ASN D 168 29.80 -22.44 8.01
N LYS D 169 28.64 -22.69 7.40
CA LYS D 169 28.13 -21.83 6.32
C LYS D 169 26.71 -21.36 6.52
N ILE D 170 26.17 -21.55 7.71
CA ILE D 170 24.80 -21.12 8.00
C ILE D 170 24.87 -20.07 9.12
N PHE D 171 24.32 -18.90 8.84
CA PHE D 171 24.46 -17.70 9.67
C PHE D 171 23.12 -17.04 9.95
N GLY D 172 22.81 -16.88 11.24
CA GLY D 172 21.71 -16.01 11.67
C GLY D 172 22.26 -14.59 11.80
N VAL D 173 21.74 -13.69 11.00
CA VAL D 173 22.32 -12.35 10.94
C VAL D 173 21.87 -11.50 12.12
N THR D 174 22.80 -11.31 13.04
CA THR D 174 22.57 -10.53 14.25
C THR D 174 23.29 -9.20 14.20
N THR D 175 23.86 -8.88 13.02
CA THR D 175 24.77 -7.76 12.86
C THR D 175 24.10 -6.43 13.29
N LEU D 176 22.80 -6.31 13.09
CA LEU D 176 22.09 -5.07 13.48
C LEU D 176 22.23 -4.77 14.97
N ASP D 177 22.26 -5.83 15.79
CA ASP D 177 22.47 -5.66 17.24
C ASP D 177 23.85 -5.02 17.51
N ILE D 178 24.88 -5.47 16.79
CA ILE D 178 26.27 -4.96 16.99
C ILE D 178 26.33 -3.48 16.54
N VAL D 179 25.78 -3.22 15.36
CA VAL D 179 25.71 -1.86 14.78
C VAL D 179 25.07 -0.86 15.78
N ARG D 180 23.92 -1.26 16.32
CA ARG D 180 23.18 -0.46 17.30
C ARG D 180 24.06 -0.22 18.54
N ALA D 181 24.66 -1.28 19.08
CA ALA D 181 25.52 -1.18 20.28
C ALA D 181 26.65 -0.18 19.99
N ASN D 182 27.30 -0.32 18.83
CA ASN D 182 28.38 0.61 18.43
C ASN D 182 27.89 2.04 18.38
N THR D 183 26.74 2.22 17.77
CA THR D 183 26.14 3.56 17.63
C THR D 183 25.84 4.18 18.98
N PHE D 184 25.19 3.40 19.85
CA PHE D 184 24.74 3.90 21.15
C PHE D 184 25.91 4.20 22.09
N VAL D 185 26.88 3.29 22.14
CA VAL D 185 28.09 3.52 22.92
C VAL D 185 28.84 4.77 22.43
N ALA D 186 29.07 4.87 21.11
CA ALA D 186 29.78 6.01 20.52
C ALA D 186 29.13 7.34 20.91
N GLU D 187 27.79 7.38 20.91
CA GLU D 187 27.01 8.58 21.24
C GLU D 187 27.22 8.96 22.68
N LEU D 188 27.07 7.99 23.58
CA LEU D 188 27.26 8.24 25.01
C LEU D 188 28.66 8.73 25.34
N LYS D 189 29.68 8.24 24.62
CA LYS D 189 31.05 8.56 24.96
C LYS D 189 31.65 9.58 24.01
N GLY D 190 30.90 10.01 23.01
CA GLY D 190 31.41 11.04 22.07
C GLY D 190 32.55 10.53 21.20
N LEU D 191 32.41 9.32 20.67
CA LEU D 191 33.43 8.73 19.84
C LEU D 191 32.91 8.65 18.43
N ASP D 192 33.81 8.49 17.48
CA ASP D 192 33.43 8.12 16.12
C ASP D 192 32.95 6.69 16.11
N PRO D 193 31.66 6.45 15.76
CA PRO D 193 31.14 5.10 15.79
C PRO D 193 31.90 4.15 14.87
N ALA D 194 32.60 4.67 13.86
CA ALA D 194 33.50 3.85 13.04
C ALA D 194 34.62 3.18 13.86
N ARG D 195 35.00 3.76 14.99
CA ARG D 195 36.12 3.28 15.79
C ARG D 195 35.66 2.43 17.00
N VAL D 196 34.38 2.09 17.05
CA VAL D 196 33.81 1.40 18.20
C VAL D 196 33.40 -0.02 17.81
N ASN D 197 33.77 -1.00 18.61
CA ASN D 197 33.34 -2.39 18.40
C ASN D 197 32.89 -3.05 19.67
N VAL D 198 31.59 -3.36 19.70
CA VAL D 198 31.00 -4.01 20.84
C VAL D 198 30.62 -5.43 20.46
N PRO D 199 31.23 -6.45 21.11
CA PRO D 199 30.71 -7.81 20.86
C PRO D 199 29.32 -7.97 21.47
N VAL D 200 28.40 -8.58 20.72
CA VAL D 200 27.06 -8.86 21.21
C VAL D 200 26.87 -10.35 20.99
N ILE D 201 26.48 -11.05 22.05
CA ILE D 201 26.40 -12.50 22.01
C ILE D 201 24.99 -12.96 22.41
N GLY D 202 24.78 -14.28 22.32
CA GLY D 202 23.51 -14.87 22.75
C GLY D 202 22.62 -15.13 21.57
N GLY D 203 21.49 -14.44 21.50
CA GLY D 203 20.55 -14.57 20.39
C GLY D 203 19.94 -13.25 19.97
N HIS D 204 18.87 -13.31 19.17
CA HIS D 204 18.26 -12.11 18.60
C HIS D 204 16.79 -11.98 19.03
N ALA D 205 16.60 -11.82 20.35
CA ALA D 205 15.29 -11.56 20.94
C ALA D 205 15.45 -11.15 22.42
N GLY D 206 15.02 -9.94 22.72
CA GLY D 206 14.88 -9.48 24.09
C GLY D 206 16.16 -9.63 24.88
N LYS D 207 16.03 -10.29 26.03
CA LYS D 207 17.12 -10.45 26.96
C LYS D 207 18.14 -11.52 26.52
N THR D 208 17.88 -12.18 25.40
CA THR D 208 18.89 -13.04 24.79
C THR D 208 19.96 -12.22 24.03
N ILE D 209 19.67 -10.93 23.78
CA ILE D 209 20.64 -10.01 23.18
C ILE D 209 21.55 -9.53 24.31
N ILE D 210 22.79 -10.03 24.31
CA ILE D 210 23.77 -9.77 25.39
C ILE D 210 24.99 -8.96 24.92
N PRO D 211 24.92 -7.62 25.06
CA PRO D 211 26.04 -6.77 24.71
C PRO D 211 27.16 -6.84 25.74
N LEU D 212 28.34 -7.24 25.27
CA LEU D 212 29.51 -7.37 26.12
C LEU D 212 30.29 -6.07 26.10
N ILE D 213 29.74 -5.10 26.81
CA ILE D 213 30.37 -3.81 26.95
C ILE D 213 31.75 -3.89 27.61
N SER D 214 31.97 -4.88 28.48
CA SER D 214 33.28 -5.07 29.10
C SER D 214 34.36 -5.40 28.10
N GLN D 215 33.98 -5.90 26.93
CA GLN D 215 34.90 -6.23 25.84
C GLN D 215 34.92 -5.18 24.71
N CYS D 216 34.32 -4.01 24.96
CA CYS D 216 34.23 -3.01 23.93
C CYS D 216 35.60 -2.48 23.64
N THR D 217 35.88 -2.23 22.36
CA THR D 217 37.04 -1.44 21.97
C THR D 217 36.52 -0.16 21.31
N PRO D 218 36.99 1.00 21.79
CA PRO D 218 37.95 1.17 22.89
C PRO D 218 37.30 0.84 24.23
N LYS D 219 38.09 0.72 25.30
CA LYS D 219 37.54 0.39 26.61
C LYS D 219 36.73 1.59 27.09
N VAL D 220 35.52 1.32 27.55
CA VAL D 220 34.58 2.35 28.00
C VAL D 220 34.03 1.96 29.40
N ASP D 221 33.91 2.96 30.28
CA ASP D 221 33.44 2.73 31.65
C ASP D 221 32.12 3.44 31.91
N PHE D 222 31.11 2.66 32.27
CA PHE D 222 29.81 3.16 32.64
C PHE D 222 29.56 2.75 34.07
N PRO D 223 28.96 3.63 34.88
CA PRO D 223 28.44 3.19 36.17
C PRO D 223 27.28 2.23 35.95
N GLN D 224 27.00 1.35 36.91
CA GLN D 224 26.02 0.27 36.68
C GLN D 224 24.65 0.80 36.21
N ASP D 225 24.15 1.88 36.80
CA ASP D 225 22.84 2.37 36.36
C ASP D 225 22.81 2.69 34.87
N GLN D 226 23.86 3.35 34.38
CA GLN D 226 23.95 3.71 32.96
C GLN D 226 24.15 2.50 32.09
N LEU D 227 24.90 1.54 32.62
CA LEU D 227 25.21 0.32 31.88
C LEU D 227 23.95 -0.50 31.67
N THR D 228 23.10 -0.52 32.69
CA THR D 228 21.84 -1.26 32.64
C THR D 228 20.89 -0.65 31.66
N ALA D 229 20.79 0.68 31.69
CA ALA D 229 19.94 1.45 30.77
C ALA D 229 20.36 1.22 29.32
N LEU D 230 21.68 1.24 29.11
CA LEU D 230 22.30 1.01 27.80
C LEU D 230 22.03 -0.38 27.27
N THR D 231 22.19 -1.37 28.14
CA THR D 231 21.97 -2.77 27.80
C THR D 231 20.52 -2.97 27.37
N GLY D 232 19.59 -2.49 28.19
CA GLY D 232 18.17 -2.49 27.82
C GLY D 232 17.88 -1.78 26.51
N ARG D 233 18.48 -0.62 26.27
CA ARG D 233 18.20 0.09 25.03
CA ARG D 233 18.24 0.09 25.01
C ARG D 233 18.62 -0.78 23.83
N ILE D 234 19.78 -1.43 23.93
CA ILE D 234 20.24 -2.31 22.85
C ILE D 234 19.24 -3.49 22.67
N GLN D 235 18.85 -4.09 23.79
CA GLN D 235 17.93 -5.24 23.75
C GLN D 235 16.57 -4.88 23.16
N GLU D 236 16.10 -3.67 23.44
CA GLU D 236 14.74 -3.27 23.09
C GLU D 236 14.65 -2.41 21.83
N ALA D 237 15.80 -2.14 21.19
CA ALA D 237 15.91 -1.25 20.01
C ALA D 237 14.96 -1.61 18.83
N GLY D 238 14.89 -2.89 18.50
CA GLY D 238 14.01 -3.35 17.42
C GLY D 238 12.58 -3.03 17.74
N THR D 239 12.21 -3.26 18.99
CA THR D 239 10.82 -2.97 19.48
C THR D 239 10.55 -1.48 19.44
N GLU D 240 11.55 -0.69 19.80
CA GLU D 240 11.37 0.75 19.69
C GLU D 240 11.22 1.26 18.25
N VAL D 241 11.93 0.70 17.27
CA VAL D 241 11.74 1.13 15.88
C VAL D 241 10.35 0.73 15.40
N VAL D 242 9.91 -0.48 15.78
CA VAL D 242 8.54 -0.91 15.46
C VAL D 242 7.53 0.10 15.96
N LYS D 243 7.65 0.47 17.23
CA LYS D 243 6.79 1.48 17.85
C LYS D 243 6.83 2.79 17.06
N ALA D 244 8.03 3.23 16.69
CA ALA D 244 8.19 4.51 16.01
C ALA D 244 7.55 4.45 14.63
N LYS D 245 7.60 3.30 13.97
CA LYS D 245 7.01 3.16 12.62
C LYS D 245 5.49 2.99 12.68
N ALA D 246 4.97 2.68 13.87
CA ALA D 246 3.54 2.76 14.14
C ALA D 246 2.67 1.98 13.17
N GLY D 247 3.07 0.74 12.84
CA GLY D 247 2.31 -0.09 11.92
C GLY D 247 2.87 -0.20 10.51
N ALA D 248 3.80 0.69 10.14
CA ALA D 248 4.45 0.68 8.81
C ALA D 248 5.71 -0.20 8.77
N GLY D 249 5.77 -1.22 9.62
CA GLY D 249 6.86 -2.20 9.59
C GLY D 249 7.90 -2.05 10.70
N SER D 250 9.08 -2.61 10.43
CA SER D 250 10.17 -2.61 11.37
C SER D 250 11.41 -2.08 10.63
N ALA D 251 12.57 -2.22 11.26
CA ALA D 251 13.83 -1.72 10.74
C ALA D 251 14.11 -2.32 9.36
N THR D 252 14.34 -1.42 8.42
CA THR D 252 14.55 -1.79 7.02
C THR D 252 15.87 -1.27 6.51
N LEU D 253 16.07 0.05 6.63
CA LEU D 253 17.22 0.74 6.11
C LEU D 253 18.49 0.38 6.90
N SER D 254 18.38 0.38 8.24
CA SER D 254 19.52 0.00 9.07
C SER D 254 19.78 -1.52 8.99
N MET D 255 18.76 -2.34 8.77
CA MET D 255 19.00 -3.75 8.49
CA MET D 255 18.97 -3.75 8.49
C MET D 255 19.65 -3.96 7.13
N ALA D 256 19.24 -3.19 6.12
CA ALA D 256 19.96 -3.18 4.83
C ALA D 256 21.45 -2.94 5.06
N TYR D 257 21.77 -1.90 5.83
CA TYR D 257 23.16 -1.54 6.11
C TYR D 257 23.91 -2.73 6.81
N ALA D 258 23.28 -3.28 7.85
CA ALA D 258 23.84 -4.36 8.67
C ALA D 258 24.01 -5.66 7.84
N GLY D 259 22.99 -6.00 7.05
CA GLY D 259 23.01 -7.19 6.23
C GLY D 259 24.11 -7.08 5.16
N ALA D 260 24.18 -5.91 4.53
CA ALA D 260 25.25 -5.64 3.56
C ALA D 260 26.63 -5.72 4.22
N ARG D 261 26.81 -5.10 5.41
CA ARG D 261 28.06 -5.22 6.15
C ARG D 261 28.46 -6.69 6.33
N PHE D 262 27.53 -7.51 6.82
CA PHE D 262 27.82 -8.93 7.06
C PHE D 262 28.22 -9.66 5.78
N VAL D 263 27.45 -9.43 4.70
CA VAL D 263 27.79 -10.05 3.42
C VAL D 263 29.20 -9.65 2.93
N PHE D 264 29.55 -8.37 3.08
CA PHE D 264 30.86 -7.87 2.64
C PHE D 264 31.98 -8.46 3.46
N SER D 265 31.72 -8.62 4.75
CA SER D 265 32.65 -9.34 5.62
C SER D 265 32.87 -10.77 5.13
N LEU D 266 31.80 -11.50 4.96
CA LEU D 266 31.89 -12.85 4.41
C LEU D 266 32.70 -12.92 3.10
N VAL D 267 32.34 -12.06 2.13
CA VAL D 267 32.96 -12.08 0.82
C VAL D 267 34.45 -11.75 0.91
N ASP D 268 34.80 -10.76 1.74
CA ASP D 268 36.19 -10.39 1.93
C ASP D 268 36.95 -11.59 2.47
N ALA D 269 36.35 -12.27 3.45
CA ALA D 269 36.93 -13.46 4.05
C ALA D 269 37.06 -14.59 3.02
N MET D 270 36.05 -14.74 2.19
CA MET D 270 36.09 -15.70 1.09
C MET D 270 37.18 -15.37 0.09
N ASN D 271 37.46 -14.09 -0.09
CA ASN D 271 38.51 -13.62 -0.97
C ASN D 271 39.90 -13.68 -0.30
N GLY D 272 39.99 -14.22 0.92
CA GLY D 272 41.28 -14.39 1.58
C GLY D 272 41.71 -13.27 2.52
N LYS D 273 40.89 -12.27 2.75
CA LYS D 273 41.23 -11.26 3.76
C LYS D 273 41.37 -11.88 5.14
N GLU D 274 42.42 -11.48 5.85
CA GLU D 274 42.70 -11.97 7.20
C GLU D 274 42.09 -11.09 8.29
N GLY D 275 41.78 -11.74 9.41
CA GLY D 275 41.30 -11.06 10.62
C GLY D 275 39.88 -10.54 10.52
N VAL D 276 39.08 -11.07 9.60
CA VAL D 276 37.68 -10.65 9.53
C VAL D 276 36.89 -11.36 10.62
N VAL D 277 36.27 -10.57 11.49
CA VAL D 277 35.53 -11.08 12.63
C VAL D 277 34.13 -10.51 12.62
N GLU D 278 33.11 -11.37 12.68
CA GLU D 278 31.74 -10.90 12.92
C GLU D 278 31.01 -11.76 13.94
N CYS D 279 30.16 -11.18 14.79
CA CYS D 279 29.24 -12.01 15.57
C CYS D 279 28.09 -12.53 14.67
N SER D 280 27.67 -13.78 14.86
CA SER D 280 26.51 -14.33 14.15
C SER D 280 25.94 -15.53 14.94
N PHE D 281 24.66 -15.73 14.80
CA PHE D 281 23.97 -16.80 15.48
C PHE D 281 24.13 -18.08 14.65
N VAL D 282 24.91 -19.00 15.19
CA VAL D 282 25.35 -20.17 14.43
C VAL D 282 25.31 -21.42 15.27
N LYS D 283 25.47 -22.58 14.61
CA LYS D 283 25.68 -23.82 15.37
C LYS D 283 26.85 -23.63 16.32
N SER D 284 26.67 -24.00 17.59
CA SER D 284 27.62 -23.62 18.64
C SER D 284 27.78 -24.66 19.72
N GLN D 285 28.99 -24.80 20.25
CA GLN D 285 29.21 -25.63 21.43
C GLN D 285 29.84 -24.81 22.55
N GLU D 286 29.70 -23.50 22.49
CA GLU D 286 30.31 -22.64 23.48
C GLU D 286 29.58 -22.72 24.83
N THR D 287 28.29 -23.06 24.75
CA THR D 287 27.39 -23.18 25.88
C THR D 287 26.54 -24.43 25.70
N GLU D 288 25.66 -24.67 26.66
CA GLU D 288 24.70 -25.76 26.51
C GLU D 288 23.68 -25.54 25.38
N CYS D 289 23.49 -24.29 24.94
CA CYS D 289 22.67 -24.04 23.75
C CYS D 289 23.37 -24.53 22.51
N THR D 290 22.60 -25.23 21.67
CA THR D 290 23.12 -25.83 20.44
CA THR D 290 23.15 -25.82 20.45
C THR D 290 23.31 -24.80 19.32
N TYR D 291 22.67 -23.62 19.47
CA TYR D 291 22.87 -22.47 18.59
C TYR D 291 23.04 -21.26 19.49
N PHE D 292 23.95 -20.37 19.10
CA PHE D 292 24.36 -19.28 19.97
C PHE D 292 25.21 -18.31 19.15
N SER D 293 25.09 -17.02 19.44
CA SER D 293 25.91 -15.98 18.78
C SER D 293 27.14 -15.62 19.60
N THR D 294 28.31 -15.73 18.98
CA THR D 294 29.59 -15.23 19.52
C THR D 294 30.37 -14.66 18.33
N PRO D 295 31.46 -13.90 18.60
CA PRO D 295 32.35 -13.44 17.52
C PRO D 295 32.99 -14.63 16.78
N LEU D 296 32.98 -14.56 15.46
CA LEU D 296 33.51 -15.63 14.62
C LEU D 296 34.61 -15.07 13.72
N LEU D 297 35.73 -15.78 13.67
CA LEU D 297 36.75 -15.53 12.64
C LEU D 297 36.26 -16.18 11.36
N LEU D 298 36.08 -15.35 10.33
CA LEU D 298 35.62 -15.82 9.02
C LEU D 298 36.82 -16.10 8.13
N GLY D 299 36.65 -17.00 7.17
CA GLY D 299 37.69 -17.33 6.19
C GLY D 299 37.08 -17.93 4.96
N LYS D 300 37.91 -18.58 4.16
CA LYS D 300 37.48 -19.17 2.90
C LYS D 300 36.47 -20.29 3.09
N LYS D 301 36.39 -20.91 4.27
CA LYS D 301 35.34 -21.93 4.46
C LYS D 301 34.07 -21.48 5.21
N GLY D 302 33.96 -20.17 5.46
CA GLY D 302 32.84 -19.63 6.22
C GLY D 302 33.36 -19.37 7.62
N ILE D 303 32.83 -20.04 8.63
CA ILE D 303 33.46 -19.99 9.97
C ILE D 303 34.85 -20.67 9.94
N GLU D 304 35.89 -19.92 10.33
CA GLU D 304 37.22 -20.47 10.47
C GLU D 304 37.42 -20.87 11.93
N LYS D 305 37.04 -19.99 12.85
CA LYS D 305 37.13 -20.26 14.26
C LYS D 305 36.05 -19.54 15.05
N ASN D 306 35.35 -20.26 15.91
CA ASN D 306 34.43 -19.62 16.84
C ASN D 306 35.29 -19.07 18.00
N LEU D 307 35.28 -17.76 18.19
CA LEU D 307 36.15 -17.12 19.16
C LEU D 307 35.60 -17.21 20.59
N GLY D 308 34.36 -17.65 20.74
CA GLY D 308 33.82 -17.92 22.08
C GLY D 308 33.37 -16.68 22.85
N ILE D 309 32.94 -16.90 24.09
CA ILE D 309 32.40 -15.82 24.90
C ILE D 309 33.51 -14.95 25.45
N GLY D 310 34.60 -15.58 25.86
CA GLY D 310 35.73 -14.87 26.42
C GLY D 310 35.46 -14.48 27.85
N LYS D 311 36.26 -13.55 28.35
CA LYS D 311 36.20 -13.17 29.77
C LYS D 311 35.09 -12.13 29.93
N VAL D 312 34.16 -12.40 30.84
CA VAL D 312 33.00 -11.52 31.05
C VAL D 312 32.80 -11.06 32.51
N SER D 313 32.05 -9.97 32.67
CA SER D 313 31.76 -9.42 33.99
C SER D 313 30.71 -10.30 34.69
N SER D 314 30.55 -10.15 36.02
CA SER D 314 29.43 -10.80 36.75
C SER D 314 28.06 -10.48 36.13
N PHE D 315 27.87 -9.23 35.77
CA PHE D 315 26.63 -8.77 35.18
C PHE D 315 26.33 -9.50 33.86
N GLU D 316 27.36 -9.61 33.03
CA GLU D 316 27.27 -10.26 31.72
C GLU D 316 27.05 -11.77 31.88
N GLU D 317 27.75 -12.37 32.84
CA GLU D 317 27.60 -13.81 33.13
C GLU D 317 26.16 -14.13 33.60
N LYS D 318 25.58 -13.27 34.43
CA LYS D 318 24.19 -13.46 34.84
C LYS D 318 23.22 -13.35 33.64
N MET D 319 23.47 -12.40 32.74
CA MET D 319 22.67 -12.30 31.52
C MET D 319 22.71 -13.59 30.71
N ILE D 320 23.90 -14.19 30.63
CA ILE D 320 24.08 -15.41 29.83
C ILE D 320 23.27 -16.52 30.47
N SER D 321 23.45 -16.70 31.77
CA SER D 321 22.72 -17.71 32.53
C SER D 321 21.22 -17.53 32.34
N ASP D 322 20.73 -16.29 32.53
CA ASP D 322 19.31 -16.03 32.45
C ASP D 322 18.73 -16.25 31.05
N ALA D 323 19.57 -16.15 30.01
CA ALA D 323 19.11 -16.25 28.62
C ALA D 323 18.99 -17.68 28.09
N ILE D 324 19.69 -18.62 28.72
CA ILE D 324 19.80 -19.97 28.18
C ILE D 324 18.44 -20.68 27.98
N PRO D 325 17.55 -20.62 28.99
CA PRO D 325 16.25 -21.31 28.82
C PRO D 325 15.43 -20.83 27.64
N GLU D 326 15.31 -19.52 27.46
CA GLU D 326 14.61 -18.97 26.31
C GLU D 326 15.25 -19.41 24.98
N LEU D 327 16.58 -19.35 24.88
CA LEU D 327 17.25 -19.79 23.66
C LEU D 327 16.97 -21.26 23.39
N LYS D 328 17.11 -22.11 24.41
CA LYS D 328 16.80 -23.56 24.25
C LYS D 328 15.39 -23.80 23.70
N ALA D 329 14.41 -23.12 24.29
CA ALA D 329 13.02 -23.20 23.84
C ALA D 329 12.84 -22.75 22.38
N SER D 330 13.45 -21.64 21.98
CA SER D 330 13.36 -21.19 20.60
C SER D 330 14.01 -22.18 19.63
N ILE D 331 15.14 -22.74 20.02
CA ILE D 331 15.81 -23.74 19.21
C ILE D 331 14.91 -24.98 19.03
N LYS D 332 14.34 -25.47 20.12
CA LYS D 332 13.51 -26.66 20.06
C LYS D 332 12.24 -26.42 19.21
N LYS D 333 11.71 -25.19 19.29
CA LYS D 333 10.48 -24.80 18.56
C LYS D 333 10.77 -24.91 17.05
N GLY D 334 11.92 -24.42 16.60
CA GLY D 334 12.28 -24.56 15.20
C GLY D 334 12.55 -26.00 14.74
N GLU D 335 13.29 -26.75 15.53
CA GLU D 335 13.58 -28.17 15.23
C GLU D 335 12.30 -28.97 15.06
N ASP D 336 11.40 -28.80 16.02
CA ASP D 336 10.08 -29.40 15.94
C ASP D 336 9.27 -28.93 14.72
N PHE D 337 9.34 -27.66 14.28
CA PHE D 337 8.57 -27.30 13.10
C PHE D 337 9.04 -28.09 11.87
N VAL D 338 10.44 -28.15 11.67
CA VAL D 338 10.98 -28.85 10.51
C VAL D 338 10.57 -30.29 10.41
N LYS D 339 10.38 -30.94 11.54
CA LYS D 339 9.91 -32.32 11.57
C LYS D 339 8.47 -32.61 11.03
N THR D 340 7.57 -31.60 11.06
CA THR D 340 6.18 -31.70 10.54
C THR D 340 6.10 -31.59 9.00
N LEU D 341 7.23 -31.39 8.33
CA LEU D 341 7.21 -31.19 6.88
C LEU D 341 7.15 -32.51 6.09
#